data_6UWM
#
_entry.id   6UWM
#
_cell.length_a   1.00
_cell.length_b   1.00
_cell.length_c   1.00
_cell.angle_alpha   90.00
_cell.angle_beta   90.00
_cell.angle_gamma   90.00
#
_symmetry.space_group_name_H-M   'P 1'
#
_entity_poly.entity_id   1
_entity_poly.type   'polypeptide(L)'
_entity_poly.pdbx_seq_one_letter_code
;MAGGRVRNIGDVMEHPLVELGVSYAALLSVIVVVVEYTMQLSGEYLVRLYLVDLILVIILWADYAYRAYKSGDPAGYVKK
TLYEIPALVPAGLLALIEGHLAGLGLFRLVRLLRFLRILLIISRGSKFLSAIADAADKIRFYHLFGAVMLTVLYGAFAIY
IVEYPDPNSSIKSVFDALWWAVVTATTVGYGDVVPATPIGKVIGIAVMLTGISALTLLIGTVSNMFQKILVGEPEPSSSP
AKLAEMVSSMSEEEFEEFVRTLKNLRRLENSMKLVPRGSRSHHHHHH
;
_entity_poly.pdbx_strand_id   A,C,B,D
#
# COMPACT_ATOMS: atom_id res chain seq x y z
N ASP A 11 -42.14 1.57 -18.16
CA ASP A 11 -40.81 1.29 -18.70
C ASP A 11 -39.97 2.55 -18.77
N VAL A 12 -39.67 3.12 -17.61
CA VAL A 12 -38.92 4.36 -17.51
C VAL A 12 -37.63 4.09 -16.74
N MET A 13 -36.86 5.15 -16.51
CA MET A 13 -35.57 5.01 -15.85
C MET A 13 -35.77 4.79 -14.35
N GLU A 14 -35.82 3.52 -13.93
CA GLU A 14 -35.98 3.19 -12.52
C GLU A 14 -35.07 2.04 -12.10
N HIS A 15 -34.23 1.54 -12.99
CA HIS A 15 -33.26 0.51 -12.65
C HIS A 15 -32.36 1.01 -11.51
N PRO A 16 -31.76 0.09 -10.75
CA PRO A 16 -30.74 0.52 -9.78
C PRO A 16 -29.65 1.36 -10.43
N LEU A 17 -29.23 0.99 -11.64
CA LEU A 17 -28.27 1.81 -12.38
C LEU A 17 -28.80 3.22 -12.59
N VAL A 18 -30.12 3.40 -12.58
CA VAL A 18 -30.68 4.74 -12.77
C VAL A 18 -30.32 5.63 -11.59
N GLU A 19 -30.72 5.26 -10.38
CA GLU A 19 -30.36 6.07 -9.23
C GLU A 19 -28.86 6.10 -9.03
N LEU A 20 -28.16 5.09 -9.53
CA LEU A 20 -26.71 5.17 -9.63
C LEU A 20 -26.30 6.41 -10.40
N GLY A 21 -26.70 6.48 -11.67
CA GLY A 21 -26.39 7.66 -12.47
C GLY A 21 -26.92 8.93 -11.84
N VAL A 22 -27.97 8.83 -11.04
CA VAL A 22 -28.50 9.99 -10.33
C VAL A 22 -27.47 10.52 -9.34
N SER A 23 -27.03 9.66 -8.43
CA SER A 23 -25.95 10.02 -7.51
C SER A 23 -24.75 10.54 -8.28
N TYR A 24 -24.42 9.88 -9.39
CA TYR A 24 -23.31 10.29 -10.22
C TYR A 24 -23.46 11.73 -10.69
N ALA A 25 -24.63 12.07 -11.22
CA ALA A 25 -24.86 13.42 -11.72
C ALA A 25 -24.85 14.42 -10.58
N ALA A 26 -25.34 14.02 -9.40
CA ALA A 26 -25.31 14.93 -8.27
C ALA A 26 -23.87 15.26 -7.88
N LEU A 27 -23.05 14.22 -7.75
CA LEU A 27 -21.64 14.43 -7.47
C LEU A 27 -21.01 15.32 -8.54
N LEU A 28 -21.37 15.09 -9.80
CA LEU A 28 -20.79 15.89 -10.87
C LEU A 28 -21.26 17.34 -10.80
N SER A 29 -22.47 17.57 -10.33
CA SER A 29 -22.92 18.94 -10.11
C SER A 29 -22.09 19.61 -9.04
N VAL A 30 -21.82 18.88 -7.95
CA VAL A 30 -20.88 19.38 -6.96
C VAL A 30 -19.54 19.70 -7.62
N ILE A 31 -19.14 18.86 -8.56
CA ILE A 31 -17.88 19.06 -9.26
C ILE A 31 -17.92 20.38 -10.02
N VAL A 32 -19.02 20.63 -10.73
CA VAL A 32 -19.17 21.89 -11.44
C VAL A 32 -19.13 23.06 -10.49
N VAL A 33 -19.78 22.90 -9.33
CA VAL A 33 -19.72 23.93 -8.30
C VAL A 33 -18.28 24.28 -8.00
N VAL A 34 -17.49 23.25 -7.68
CA VAL A 34 -16.05 23.44 -7.51
C VAL A 34 -15.48 24.21 -8.70
N VAL A 35 -15.88 23.80 -9.91
CA VAL A 35 -15.31 24.38 -11.12
C VAL A 35 -15.51 25.89 -11.13
N GLU A 36 -16.69 26.34 -10.75
CA GLU A 36 -17.08 27.73 -10.99
C GLU A 36 -16.06 28.70 -10.42
N TYR A 37 -15.93 28.72 -9.10
CA TYR A 37 -14.82 29.47 -8.52
C TYR A 37 -13.53 28.76 -8.86
N THR A 38 -12.55 29.52 -9.33
CA THR A 38 -11.23 28.98 -9.62
C THR A 38 -10.28 30.14 -9.83
N MET A 39 -9.03 29.79 -10.13
CA MET A 39 -8.04 30.81 -10.47
C MET A 39 -8.37 31.41 -11.83
N GLN A 40 -7.49 32.32 -12.25
CA GLN A 40 -7.56 32.85 -13.60
C GLN A 40 -7.10 31.78 -14.58
N LEU A 41 -7.97 31.38 -15.50
CA LEU A 41 -7.72 30.19 -16.29
C LEU A 41 -7.83 30.50 -17.77
N SER A 42 -7.35 29.56 -18.58
CA SER A 42 -7.44 29.70 -20.03
C SER A 42 -8.87 29.53 -20.48
N GLY A 43 -9.37 30.52 -21.23
CA GLY A 43 -10.76 30.52 -21.63
C GLY A 43 -11.17 29.29 -22.40
N GLU A 44 -10.25 28.72 -23.18
CA GLU A 44 -10.61 27.56 -23.98
C GLU A 44 -11.04 26.39 -23.09
N TYR A 45 -10.15 25.92 -22.23
CA TYR A 45 -10.51 24.82 -21.35
C TYR A 45 -11.58 25.25 -20.36
N LEU A 46 -11.60 26.53 -20.00
CA LEU A 46 -12.68 27.05 -19.16
C LEU A 46 -14.05 26.74 -19.77
N VAL A 47 -14.26 27.20 -21.00
CA VAL A 47 -15.57 26.97 -21.61
C VAL A 47 -15.73 25.51 -22.01
N ARG A 48 -14.64 24.76 -22.13
CA ARG A 48 -14.78 23.31 -22.28
C ARG A 48 -15.44 22.71 -21.04
N LEU A 49 -14.96 23.10 -19.87
CA LEU A 49 -15.64 22.76 -18.62
C LEU A 49 -17.09 23.22 -18.66
N TYR A 50 -17.33 24.42 -19.19
CA TYR A 50 -18.70 24.90 -19.34
C TYR A 50 -19.52 23.95 -20.19
N LEU A 51 -18.92 23.41 -21.25
CA LEU A 51 -19.61 22.46 -22.11
C LEU A 51 -20.02 21.24 -21.32
N VAL A 52 -19.06 20.66 -20.59
CA VAL A 52 -19.38 19.51 -19.77
C VAL A 52 -20.47 19.85 -18.77
N ASP A 53 -20.45 21.08 -18.26
CA ASP A 53 -21.45 21.50 -17.30
C ASP A 53 -22.84 21.57 -17.92
N LEU A 54 -22.93 22.05 -19.16
CA LEU A 54 -24.22 22.04 -19.85
C LEU A 54 -24.68 20.62 -20.10
N ILE A 55 -23.74 19.73 -20.45
CA ILE A 55 -24.05 18.31 -20.51
C ILE A 55 -24.74 17.87 -19.24
N LEU A 56 -24.17 18.25 -18.10
CA LEU A 56 -24.73 17.84 -16.82
C LEU A 56 -26.08 18.49 -16.56
N VAL A 57 -26.27 19.72 -17.02
CA VAL A 57 -27.57 20.37 -16.87
C VAL A 57 -28.63 19.63 -17.66
N ILE A 58 -28.23 18.99 -18.76
CA ILE A 58 -29.18 18.12 -19.46
C ILE A 58 -29.62 16.98 -18.55
N ILE A 59 -28.67 16.41 -17.80
CA ILE A 59 -29.03 15.33 -16.88
C ILE A 59 -29.87 15.89 -15.75
N LEU A 60 -29.63 17.14 -15.37
CA LEU A 60 -30.49 17.82 -14.42
C LEU A 60 -31.92 17.87 -14.93
N TRP A 61 -32.08 18.26 -16.19
CA TRP A 61 -33.40 18.24 -16.82
C TRP A 61 -34.01 16.85 -16.72
N ALA A 62 -33.25 15.82 -17.05
CA ALA A 62 -33.78 14.46 -17.04
C ALA A 62 -34.24 14.06 -15.64
N ASP A 63 -33.37 14.25 -14.64
CA ASP A 63 -33.71 13.79 -13.30
C ASP A 63 -34.87 14.56 -12.72
N TYR A 64 -34.87 15.89 -12.88
CA TYR A 64 -35.96 16.67 -12.32
C TYR A 64 -37.25 16.42 -13.07
N ALA A 65 -37.16 16.02 -14.34
CA ALA A 65 -38.33 15.52 -15.03
C ALA A 65 -38.85 14.25 -14.38
N TYR A 66 -37.95 13.33 -14.06
CA TYR A 66 -38.37 12.08 -13.42
C TYR A 66 -38.91 12.35 -12.02
N ARG A 67 -38.51 13.47 -11.40
CA ARG A 67 -39.05 13.82 -10.10
C ARG A 67 -40.56 13.95 -10.15
N ALA A 68 -41.07 14.64 -11.16
CA ALA A 68 -42.50 14.64 -11.42
C ALA A 68 -42.85 13.48 -12.35
N TYR A 69 -44.14 13.37 -12.67
CA TYR A 69 -44.62 12.36 -13.60
C TYR A 69 -44.70 12.90 -15.03
N LYS A 70 -43.83 13.84 -15.37
CA LYS A 70 -43.74 14.53 -16.66
C LYS A 70 -44.90 15.49 -16.86
N SER A 71 -45.75 15.67 -15.85
CA SER A 71 -46.84 16.62 -15.91
C SER A 71 -46.73 17.60 -14.74
N GLY A 72 -47.47 18.69 -14.83
CA GLY A 72 -47.44 19.73 -13.83
C GLY A 72 -48.42 19.54 -12.68
N ASP A 73 -49.28 18.53 -12.74
CA ASP A 73 -50.18 18.27 -11.63
C ASP A 73 -49.48 18.13 -10.28
N PRO A 74 -48.25 17.60 -10.18
CA PRO A 74 -47.54 17.73 -8.89
C PRO A 74 -47.06 19.16 -8.65
N ALA A 75 -48.02 20.07 -8.46
CA ALA A 75 -47.70 21.48 -8.33
C ALA A 75 -46.88 21.75 -7.07
N GLY A 76 -47.10 20.98 -6.02
CA GLY A 76 -46.31 21.16 -4.80
C GLY A 76 -44.84 20.86 -5.03
N TYR A 77 -44.54 19.75 -5.69
CA TYR A 77 -43.15 19.42 -5.98
C TYR A 77 -42.58 20.38 -7.03
N VAL A 78 -43.44 20.88 -7.92
CA VAL A 78 -43.05 21.98 -8.79
C VAL A 78 -42.56 23.15 -7.96
N LYS A 79 -43.32 23.51 -6.92
CA LYS A 79 -42.90 24.59 -6.03
C LYS A 79 -41.59 24.26 -5.35
N LYS A 80 -41.44 23.03 -4.86
CA LYS A 80 -40.17 22.63 -4.26
C LYS A 80 -39.08 22.52 -5.31
N THR A 81 -39.45 22.24 -6.56
CA THR A 81 -38.48 22.30 -7.65
C THR A 81 -37.96 23.71 -7.83
N LEU A 82 -38.81 24.71 -7.58
CA LEU A 82 -38.37 26.10 -7.63
C LEU A 82 -37.25 26.34 -6.61
N TYR A 83 -37.29 25.63 -5.48
CA TYR A 83 -36.19 25.71 -4.53
C TYR A 83 -34.91 25.19 -5.14
N GLU A 84 -35.02 24.18 -6.01
CA GLU A 84 -33.86 23.49 -6.54
C GLU A 84 -33.69 23.67 -8.04
N ILE A 85 -34.52 24.48 -8.67
CA ILE A 85 -34.29 24.88 -10.06
C ILE A 85 -33.06 25.75 -10.21
N PRO A 86 -32.60 26.50 -9.18
CA PRO A 86 -31.28 27.16 -9.34
C PRO A 86 -30.18 26.18 -9.71
N ALA A 87 -30.28 24.93 -9.25
CA ALA A 87 -29.36 23.91 -9.72
C ALA A 87 -29.44 23.74 -11.23
N LEU A 88 -30.66 23.67 -11.77
CA LEU A 88 -30.84 23.51 -13.20
C LEU A 88 -30.34 24.71 -13.99
N VAL A 89 -30.15 25.85 -13.33
CA VAL A 89 -29.68 27.04 -14.04
C VAL A 89 -28.26 26.79 -14.53
N PRO A 90 -27.96 27.07 -15.80
CA PRO A 90 -26.61 26.76 -16.32
C PRO A 90 -25.62 27.90 -16.15
N ALA A 91 -24.39 27.56 -15.78
CA ALA A 91 -23.35 28.56 -15.66
C ALA A 91 -22.88 29.04 -17.03
N GLY A 92 -22.98 28.18 -18.04
CA GLY A 92 -22.64 28.56 -19.40
C GLY A 92 -23.41 29.77 -19.84
N LEU A 93 -24.68 29.83 -19.44
CA LEU A 93 -25.53 30.98 -19.72
C LEU A 93 -25.29 32.09 -18.71
N LEU A 94 -25.10 31.73 -17.45
CA LEU A 94 -24.95 32.74 -16.41
C LEU A 94 -23.73 33.61 -16.67
N ALA A 95 -22.56 32.99 -16.84
CA ALA A 95 -21.34 33.75 -17.07
C ALA A 95 -21.42 34.52 -18.38
N LEU A 96 -22.13 34.02 -19.37
CA LEU A 96 -22.25 34.76 -20.62
C LEU A 96 -23.10 36.01 -20.43
N ILE A 97 -24.21 35.90 -19.71
CA ILE A 97 -24.99 37.09 -19.39
C ILE A 97 -24.16 38.02 -18.50
N GLU A 98 -23.29 37.45 -17.69
CA GLU A 98 -22.37 38.26 -16.90
C GLU A 98 -21.47 39.10 -17.80
N GLY A 99 -20.90 38.47 -18.82
CA GLY A 99 -20.08 39.20 -19.77
C GLY A 99 -20.87 40.27 -20.49
N HIS A 100 -22.13 39.96 -20.83
CA HIS A 100 -23.00 40.98 -21.42
C HIS A 100 -23.13 42.19 -20.49
N LEU A 101 -23.43 41.93 -19.22
CA LEU A 101 -23.56 43.02 -18.26
C LEU A 101 -22.26 43.79 -18.13
N ALA A 102 -21.13 43.10 -18.19
CA ALA A 102 -19.85 43.77 -18.20
C ALA A 102 -19.75 44.71 -19.38
N GLY A 103 -20.20 44.26 -20.55
CA GLY A 103 -20.34 45.16 -21.68
C GLY A 103 -21.24 46.34 -21.36
N LEU A 104 -22.19 46.15 -20.44
CA LEU A 104 -23.06 47.24 -20.04
C LEU A 104 -22.42 48.11 -18.96
N GLY A 105 -21.71 47.51 -18.02
CA GLY A 105 -21.05 48.28 -16.96
C GLY A 105 -21.81 48.30 -15.65
N LEU A 106 -22.22 47.14 -15.16
CA LEU A 106 -23.11 47.04 -14.00
C LEU A 106 -22.40 46.29 -12.87
N PHE A 107 -21.58 47.03 -12.12
CA PHE A 107 -20.80 46.41 -11.04
C PHE A 107 -21.70 45.75 -10.01
N ARG A 108 -22.60 46.54 -9.40
CA ARG A 108 -23.48 46.00 -8.37
C ARG A 108 -24.28 44.81 -8.89
N LEU A 109 -24.69 44.85 -10.16
CA LEU A 109 -25.39 43.71 -10.72
C LEU A 109 -24.48 42.50 -10.85
N VAL A 110 -23.18 42.73 -11.08
CA VAL A 110 -22.24 41.62 -11.09
C VAL A 110 -22.14 41.00 -9.71
N ARG A 111 -22.08 41.83 -8.67
CA ARG A 111 -22.12 41.30 -7.32
C ARG A 111 -23.40 40.51 -7.06
N LEU A 112 -24.52 41.02 -7.55
CA LEU A 112 -25.79 40.29 -7.45
C LEU A 112 -25.69 38.92 -8.10
N LEU A 113 -25.11 38.87 -9.30
CA LEU A 113 -24.95 37.58 -9.97
C LEU A 113 -24.00 36.68 -9.21
N ARG A 114 -23.02 37.25 -8.51
CA ARG A 114 -22.14 36.44 -7.68
C ARG A 114 -22.91 35.79 -6.53
N PHE A 115 -23.73 36.60 -5.85
CA PHE A 115 -24.62 36.04 -4.83
C PHE A 115 -25.52 34.95 -5.42
N LEU A 116 -25.98 35.17 -6.65
CA LEU A 116 -26.75 34.16 -7.35
C LEU A 116 -25.94 32.88 -7.55
N ARG A 117 -24.66 33.04 -7.88
CA ARG A 117 -23.78 31.89 -8.04
C ARG A 117 -23.69 31.10 -6.75
N ILE A 118 -23.53 31.81 -5.63
CA ILE A 118 -23.46 31.15 -4.33
C ILE A 118 -24.76 30.42 -4.04
N LEU A 119 -25.89 31.04 -4.37
CA LEU A 119 -27.18 30.39 -4.15
C LEU A 119 -27.29 29.11 -4.96
N LEU A 120 -26.94 29.17 -6.24
CA LEU A 120 -26.93 27.97 -7.07
C LEU A 120 -26.01 26.91 -6.48
N ILE A 121 -24.87 27.34 -5.95
CA ILE A 121 -23.94 26.43 -5.27
C ILE A 121 -24.68 25.67 -4.18
N ILE A 122 -25.30 26.41 -3.26
CA ILE A 122 -25.97 25.78 -2.13
C ILE A 122 -27.09 24.87 -2.61
N SER A 123 -27.78 25.30 -3.67
CA SER A 123 -28.88 24.51 -4.22
C SER A 123 -28.39 23.17 -4.71
N ARG A 124 -27.32 23.17 -5.51
CA ARG A 124 -26.78 21.92 -6.00
C ARG A 124 -26.23 21.07 -4.87
N GLY A 125 -25.68 21.70 -3.84
CA GLY A 125 -25.25 20.95 -2.68
C GLY A 125 -26.39 20.22 -2.01
N SER A 126 -27.51 20.90 -1.82
CA SER A 126 -28.67 20.25 -1.21
C SER A 126 -29.22 19.17 -2.12
N LYS A 127 -29.20 19.39 -3.44
CA LYS A 127 -29.61 18.34 -4.35
C LYS A 127 -28.72 17.12 -4.21
N PHE A 128 -27.42 17.36 -4.01
CA PHE A 128 -26.50 16.28 -3.71
C PHE A 128 -26.91 15.56 -2.44
N LEU A 129 -27.25 16.31 -1.40
CA LEU A 129 -27.72 15.70 -0.16
C LEU A 129 -28.90 14.78 -0.42
N SER A 130 -29.87 15.26 -1.20
CA SER A 130 -31.05 14.47 -1.51
C SER A 130 -30.68 13.19 -2.24
N ALA A 131 -29.87 13.31 -3.30
CA ALA A 131 -29.50 12.14 -4.08
C ALA A 131 -28.75 11.13 -3.24
N ILE A 132 -27.86 11.60 -2.37
CA ILE A 132 -27.07 10.69 -1.55
C ILE A 132 -27.96 9.99 -0.54
N ALA A 133 -28.93 10.70 0.03
CA ALA A 133 -29.88 10.05 0.94
C ALA A 133 -30.65 8.95 0.20
N ASP A 134 -31.21 9.29 -0.95
CA ASP A 134 -32.00 8.30 -1.69
C ASP A 134 -31.15 7.11 -2.09
N ALA A 135 -29.89 7.35 -2.46
CA ALA A 135 -29.00 6.24 -2.76
C ALA A 135 -28.73 5.42 -1.50
N ALA A 136 -28.59 6.08 -0.35
CA ALA A 136 -28.42 5.37 0.90
C ALA A 136 -29.63 4.51 1.22
N ASP A 137 -30.79 4.84 0.67
CA ASP A 137 -31.98 4.04 0.84
C ASP A 137 -32.19 3.05 -0.31
N LYS A 138 -31.11 2.63 -0.96
CA LYS A 138 -31.22 1.64 -2.02
C LYS A 138 -31.40 0.25 -1.44
N ILE A 139 -31.94 -0.66 -2.26
CA ILE A 139 -32.41 -1.94 -1.76
C ILE A 139 -31.25 -2.91 -1.56
N ARG A 140 -30.56 -3.26 -2.64
CA ARG A 140 -29.64 -4.39 -2.66
C ARG A 140 -28.24 -3.93 -2.28
N PHE A 141 -27.75 -4.42 -1.14
CA PHE A 141 -26.35 -4.19 -0.81
C PHE A 141 -25.43 -5.15 -1.54
N TYR A 142 -25.99 -6.16 -2.21
CA TYR A 142 -25.19 -6.92 -3.16
C TYR A 142 -24.85 -6.07 -4.37
N HIS A 143 -25.74 -5.15 -4.73
CA HIS A 143 -25.57 -4.21 -5.83
C HIS A 143 -24.35 -3.34 -5.61
N LEU A 144 -23.84 -3.32 -4.38
CA LEU A 144 -22.64 -2.57 -4.07
C LEU A 144 -21.46 -3.02 -4.92
N PHE A 145 -21.46 -4.29 -5.33
CA PHE A 145 -20.39 -4.83 -6.18
C PHE A 145 -20.15 -3.90 -7.36
N GLY A 146 -21.22 -3.61 -8.12
CA GLY A 146 -21.10 -2.60 -9.15
C GLY A 146 -20.94 -1.21 -8.59
N ALA A 147 -21.81 -0.82 -7.64
CA ALA A 147 -21.87 0.56 -7.17
C ALA A 147 -20.50 1.11 -6.80
N VAL A 148 -19.66 0.29 -6.19
CA VAL A 148 -18.34 0.75 -5.77
C VAL A 148 -17.51 1.11 -6.99
N MET A 149 -17.35 0.17 -7.91
CA MET A 149 -16.61 0.43 -9.14
C MET A 149 -17.15 1.65 -9.86
N LEU A 150 -18.47 1.82 -9.83
CA LEU A 150 -19.09 2.99 -10.44
C LEU A 150 -18.60 4.26 -9.77
N THR A 151 -18.71 4.34 -8.45
CA THR A 151 -18.18 5.49 -7.72
C THR A 151 -16.72 5.71 -8.04
N VAL A 152 -15.98 4.62 -8.24
CA VAL A 152 -14.55 4.72 -8.50
C VAL A 152 -14.31 5.44 -9.82
N LEU A 153 -14.83 4.87 -10.91
CA LEU A 153 -14.65 5.50 -12.21
C LEU A 153 -15.21 6.91 -12.22
N TYR A 154 -16.24 7.15 -11.42
CA TYR A 154 -16.73 8.51 -11.28
C TYR A 154 -15.64 9.42 -10.76
N GLY A 155 -15.11 9.10 -9.57
CA GLY A 155 -14.06 9.93 -9.01
C GLY A 155 -12.89 10.08 -9.95
N ALA A 156 -12.63 9.05 -10.75
CA ALA A 156 -11.66 9.17 -11.82
C ALA A 156 -12.01 10.34 -12.73
N PHE A 157 -13.22 10.30 -13.30
CA PHE A 157 -13.67 11.39 -14.15
C PHE A 157 -13.59 12.73 -13.44
N ALA A 158 -13.83 12.74 -12.14
CA ALA A 158 -13.89 13.99 -11.39
C ALA A 158 -12.49 14.59 -11.24
N ILE A 159 -11.53 13.76 -10.85
CA ILE A 159 -10.14 14.19 -10.85
C ILE A 159 -9.77 14.71 -12.22
N TYR A 160 -10.19 14.00 -13.27
CA TYR A 160 -9.94 14.47 -14.62
C TYR A 160 -10.47 15.88 -14.78
N ILE A 161 -11.72 16.08 -14.41
CA ILE A 161 -12.34 17.41 -14.51
C ILE A 161 -11.47 18.45 -13.85
N VAL A 162 -11.11 18.22 -12.60
CA VAL A 162 -10.46 19.28 -11.85
C VAL A 162 -9.05 19.53 -12.34
N GLU A 163 -8.40 18.54 -12.95
CA GLU A 163 -6.98 18.70 -13.19
C GLU A 163 -6.59 18.78 -14.66
N TYR A 164 -7.17 17.93 -15.51
CA TYR A 164 -6.89 17.94 -16.95
C TYR A 164 -6.73 19.33 -17.55
N PRO A 165 -7.55 20.32 -17.22
CA PRO A 165 -7.23 21.69 -17.63
C PRO A 165 -6.30 22.39 -16.68
N ASP A 166 -6.27 21.98 -15.41
CA ASP A 166 -5.45 22.67 -14.43
C ASP A 166 -3.99 22.56 -14.82
N PRO A 167 -3.23 23.66 -14.79
CA PRO A 167 -1.86 23.63 -15.29
C PRO A 167 -0.91 22.98 -14.31
N ASN A 168 0.28 22.66 -14.82
CA ASN A 168 1.42 22.14 -14.05
C ASN A 168 1.04 20.97 -13.16
N SER A 169 -0.08 20.32 -13.44
CA SER A 169 -0.48 19.15 -12.66
C SER A 169 0.36 17.95 -13.00
N SER A 170 0.94 17.92 -14.20
CA SER A 170 1.64 16.78 -14.78
C SER A 170 0.70 15.63 -15.11
N ILE A 171 -0.61 15.85 -15.07
CA ILE A 171 -1.57 14.81 -15.37
C ILE A 171 -2.47 15.28 -16.51
N LYS A 172 -1.94 16.17 -17.35
CA LYS A 172 -2.77 16.82 -18.35
C LYS A 172 -3.37 15.83 -19.34
N SER A 173 -2.75 14.67 -19.50
CA SER A 173 -3.30 13.66 -20.39
C SER A 173 -4.51 12.98 -19.75
N VAL A 174 -5.37 12.44 -20.61
CA VAL A 174 -6.71 12.02 -20.18
C VAL A 174 -6.66 10.69 -19.43
N PHE A 175 -6.42 9.60 -20.15
CA PHE A 175 -6.59 8.26 -19.60
C PHE A 175 -5.81 8.06 -18.31
N ASP A 176 -4.71 8.81 -18.15
CA ASP A 176 -3.95 8.78 -16.90
C ASP A 176 -4.82 9.08 -15.70
N ALA A 177 -5.94 9.80 -15.90
CA ALA A 177 -6.94 9.89 -14.86
C ALA A 177 -7.33 8.51 -14.38
N LEU A 178 -7.77 7.65 -15.29
CA LEU A 178 -8.08 6.28 -14.92
C LEU A 178 -6.89 5.61 -14.25
N TRP A 179 -5.69 5.93 -14.71
CA TRP A 179 -4.50 5.30 -14.15
C TRP A 179 -4.35 5.61 -12.67
N TRP A 180 -4.12 6.88 -12.35
CA TRP A 180 -3.98 7.29 -10.95
C TRP A 180 -5.19 6.88 -10.14
N ALA A 181 -6.37 6.90 -10.75
CA ALA A 181 -7.57 6.48 -10.04
C ALA A 181 -7.44 5.06 -9.56
N VAL A 182 -7.30 4.11 -10.50
CA VAL A 182 -7.20 2.71 -10.12
C VAL A 182 -6.01 2.50 -9.20
N VAL A 183 -4.93 3.25 -9.43
CA VAL A 183 -3.81 3.24 -8.49
C VAL A 183 -4.33 3.43 -7.07
N THR A 184 -5.09 4.50 -6.88
CA THR A 184 -5.61 4.80 -5.56
C THR A 184 -6.55 3.70 -5.08
N ALA A 185 -7.58 3.42 -5.87
CA ALA A 185 -8.56 2.38 -5.53
C ALA A 185 -7.88 1.07 -5.18
N THR A 186 -6.70 0.84 -5.72
CA THR A 186 -5.89 -0.32 -5.46
C THR A 186 -4.86 -0.02 -4.38
N THR A 187 -4.89 1.19 -3.84
CA THR A 187 -3.98 1.57 -2.77
C THR A 187 -2.53 1.35 -3.19
N VAL A 188 -2.18 1.83 -4.39
CA VAL A 188 -0.81 1.67 -4.86
C VAL A 188 0.05 2.85 -4.41
N GLY A 189 -0.25 4.03 -4.95
CA GLY A 189 0.60 5.18 -4.74
C GLY A 189 1.90 5.13 -5.53
N TYR A 190 1.81 4.94 -6.84
CA TYR A 190 3.01 4.86 -7.65
C TYR A 190 3.87 6.11 -7.53
N GLY A 191 3.30 7.22 -7.06
CA GLY A 191 4.08 8.39 -6.70
C GLY A 191 4.42 9.34 -7.82
N ASP A 192 4.47 8.87 -9.06
CA ASP A 192 4.76 9.78 -10.16
C ASP A 192 3.58 10.69 -10.46
N VAL A 193 2.41 10.39 -9.93
CA VAL A 193 1.19 11.12 -10.23
C VAL A 193 0.45 11.39 -8.93
N VAL A 194 0.09 12.65 -8.71
CA VAL A 194 -0.64 13.04 -7.50
C VAL A 194 -1.24 14.42 -7.73
N PRO A 195 -2.35 14.77 -7.08
CA PRO A 195 -2.98 16.08 -7.34
C PRO A 195 -2.08 17.27 -7.08
N ALA A 196 -1.48 17.36 -5.90
CA ALA A 196 -0.64 18.49 -5.50
C ALA A 196 -1.40 19.81 -5.49
N THR A 197 -2.72 19.75 -5.38
CA THR A 197 -3.57 20.93 -5.27
C THR A 197 -4.54 20.71 -4.12
N PRO A 198 -4.97 21.79 -3.47
CA PRO A 198 -5.79 21.63 -2.25
C PRO A 198 -7.04 20.81 -2.49
N ILE A 199 -7.92 21.26 -3.39
CA ILE A 199 -9.15 20.52 -3.59
C ILE A 199 -8.86 19.24 -4.34
N GLY A 200 -7.80 19.21 -5.15
CA GLY A 200 -7.33 17.96 -5.68
C GLY A 200 -7.07 16.96 -4.58
N LYS A 201 -6.37 17.38 -3.52
CA LYS A 201 -6.14 16.48 -2.41
C LYS A 201 -7.41 16.20 -1.64
N VAL A 202 -8.39 17.10 -1.69
CA VAL A 202 -9.69 16.81 -1.08
C VAL A 202 -10.34 15.62 -1.76
N ILE A 203 -10.48 15.72 -3.08
CA ILE A 203 -10.99 14.58 -3.82
C ILE A 203 -10.07 13.39 -3.66
N GLY A 204 -8.81 13.64 -3.32
CA GLY A 204 -7.92 12.55 -2.95
C GLY A 204 -8.40 11.84 -1.69
N ILE A 205 -8.75 12.61 -0.67
CA ILE A 205 -9.39 12.03 0.51
C ILE A 205 -10.56 11.16 0.08
N ALA A 206 -11.37 11.72 -0.80
CA ALA A 206 -12.55 11.02 -1.29
C ALA A 206 -12.15 9.66 -1.86
N VAL A 207 -11.31 9.68 -2.88
CA VAL A 207 -10.92 8.45 -3.56
C VAL A 207 -10.16 7.52 -2.63
N MET A 208 -9.55 8.05 -1.58
CA MET A 208 -8.81 7.18 -0.67
C MET A 208 -9.76 6.38 0.19
N LEU A 209 -10.69 7.06 0.87
CA LEU A 209 -11.74 6.32 1.55
C LEU A 209 -12.50 5.45 0.58
N THR A 210 -12.54 5.83 -0.70
CA THR A 210 -13.22 5.03 -1.69
C THR A 210 -12.51 3.71 -1.92
N GLY A 211 -11.21 3.76 -2.21
CA GLY A 211 -10.44 2.54 -2.34
C GLY A 211 -10.47 1.72 -1.07
N ILE A 212 -10.55 2.39 0.07
CA ILE A 212 -10.78 1.69 1.33
C ILE A 212 -12.05 0.85 1.22
N SER A 213 -13.17 1.51 0.91
CA SER A 213 -14.44 0.82 0.78
C SER A 213 -14.36 -0.32 -0.23
N ALA A 214 -13.64 -0.09 -1.32
CA ALA A 214 -13.46 -1.14 -2.32
C ALA A 214 -12.79 -2.34 -1.71
N LEU A 215 -11.66 -2.13 -1.05
CA LEU A 215 -10.98 -3.18 -0.32
C LEU A 215 -11.93 -3.91 0.62
N THR A 216 -12.77 -3.16 1.32
CA THR A 216 -13.69 -3.77 2.26
C THR A 216 -14.67 -4.68 1.54
N LEU A 217 -15.25 -4.20 0.45
CA LEU A 217 -16.11 -5.04 -0.37
C LEU A 217 -15.39 -6.30 -0.82
N LEU A 218 -14.11 -6.16 -1.16
CA LEU A 218 -13.34 -7.32 -1.56
C LEU A 218 -13.24 -8.31 -0.42
N ILE A 219 -13.01 -7.82 0.79
CA ILE A 219 -12.95 -8.70 1.96
C ILE A 219 -14.29 -9.39 2.16
N GLY A 220 -15.38 -8.67 1.95
CA GLY A 220 -16.69 -9.28 2.07
C GLY A 220 -16.88 -10.40 1.06
N THR A 221 -16.50 -10.14 -0.19
CA THR A 221 -16.49 -11.19 -1.20
C THR A 221 -15.59 -12.34 -0.77
N VAL A 222 -14.52 -12.04 -0.05
CA VAL A 222 -13.63 -13.08 0.44
C VAL A 222 -14.37 -14.01 1.39
N SER A 223 -15.02 -13.42 2.39
CA SER A 223 -15.78 -14.23 3.34
C SER A 223 -16.88 -15.00 2.63
N ASN A 224 -17.50 -14.39 1.64
CA ASN A 224 -18.51 -15.07 0.83
C ASN A 224 -17.91 -16.31 0.18
N MET A 225 -16.86 -16.12 -0.62
CA MET A 225 -16.21 -17.23 -1.30
C MET A 225 -15.71 -18.28 -0.31
N PHE A 226 -15.37 -17.85 0.91
CA PHE A 226 -14.95 -18.80 1.93
C PHE A 226 -16.11 -19.71 2.34
N GLN A 227 -17.19 -19.10 2.83
CA GLN A 227 -18.34 -19.88 3.24
C GLN A 227 -18.91 -20.70 2.08
N LYS A 228 -18.63 -20.32 0.85
CA LYS A 228 -19.15 -21.07 -0.30
C LYS A 228 -18.19 -22.16 -0.77
N ILE A 229 -16.89 -21.99 -0.60
CA ILE A 229 -15.97 -23.09 -0.84
C ILE A 229 -16.08 -24.11 0.29
N LEU A 230 -16.64 -23.71 1.43
CA LEU A 230 -17.13 -24.68 2.39
C LEU A 230 -18.13 -25.63 1.73
N VAL A 231 -18.92 -25.13 0.78
CA VAL A 231 -19.82 -25.96 -0.01
C VAL A 231 -19.04 -26.63 -1.14
N ASP B 11 -23.97 16.63 35.53
CA ASP B 11 -23.81 17.02 34.14
C ASP B 11 -22.44 17.60 33.89
N VAL B 12 -21.41 16.78 34.04
CA VAL B 12 -20.03 17.19 33.89
C VAL B 12 -19.40 16.40 32.74
N MET B 13 -18.11 16.63 32.52
CA MET B 13 -17.42 15.97 31.42
C MET B 13 -17.14 14.51 31.75
N GLU B 14 -18.05 13.62 31.37
CA GLU B 14 -17.87 12.19 31.60
C GLU B 14 -18.26 11.35 30.39
N HIS B 15 -18.62 11.99 29.28
CA HIS B 15 -18.92 11.27 28.06
C HIS B 15 -17.70 10.44 27.63
N PRO B 16 -17.91 9.38 26.85
CA PRO B 16 -16.76 8.69 26.26
C PRO B 16 -15.82 9.62 25.51
N LEU B 17 -16.38 10.58 24.78
CA LEU B 17 -15.57 11.61 24.13
C LEU B 17 -14.72 12.36 25.15
N VAL B 18 -15.14 12.40 26.41
CA VAL B 18 -14.37 13.11 27.42
C VAL B 18 -13.04 12.40 27.66
N GLU B 19 -13.08 11.13 28.08
CA GLU B 19 -11.83 10.41 28.28
C GLU B 19 -11.08 10.26 26.96
N LEU B 20 -11.79 10.32 25.85
CA LEU B 20 -11.11 10.46 24.56
C LEU B 20 -10.20 11.67 24.57
N GLY B 21 -10.78 12.86 24.74
CA GLY B 21 -9.98 14.06 24.82
C GLY B 21 -8.94 14.00 25.91
N VAL B 22 -9.19 13.20 26.95
CA VAL B 22 -8.21 13.02 28.01
C VAL B 22 -6.96 12.34 27.47
N SER B 23 -7.14 11.16 26.88
CA SER B 23 -6.03 10.48 26.20
C SER B 23 -5.35 11.41 25.20
N TYR B 24 -6.16 12.16 24.46
CA TYR B 24 -5.64 13.11 23.48
C TYR B 24 -4.69 14.11 24.13
N ALA B 25 -5.13 14.73 25.22
CA ALA B 25 -4.30 15.71 25.90
C ALA B 25 -3.06 15.07 26.49
N ALA B 26 -3.17 13.84 26.97
CA ALA B 26 -2.00 13.16 27.50
C ALA B 26 -0.95 12.95 26.40
N LEU B 27 -1.40 12.42 25.27
CA LEU B 27 -0.51 12.28 24.13
C LEU B 27 0.10 13.61 23.75
N LEU B 28 -0.70 14.67 23.77
CA LEU B 28 -0.18 15.98 23.40
C LEU B 28 0.83 16.49 24.41
N SER B 29 0.66 16.14 25.68
CA SER B 29 1.66 16.49 26.67
C SER B 29 2.97 15.78 26.38
N VAL B 30 2.89 14.50 26.01
CA VAL B 30 4.08 13.80 25.54
C VAL B 30 4.69 14.55 24.37
N ILE B 31 3.82 15.08 23.50
CA ILE B 31 4.29 15.83 22.34
C ILE B 31 5.08 17.04 22.79
N VAL B 32 4.55 17.78 23.76
CA VAL B 32 5.24 18.94 24.28
C VAL B 32 6.57 18.53 24.88
N VAL B 33 6.58 17.41 25.59
CA VAL B 33 7.83 16.89 26.13
C VAL B 33 8.86 16.77 25.03
N VAL B 34 8.48 16.06 23.96
CA VAL B 34 9.33 16.01 22.77
C VAL B 34 9.77 17.41 22.37
N VAL B 35 8.82 18.34 22.36
CA VAL B 35 9.10 19.70 21.89
C VAL B 35 10.24 20.31 22.67
N GLU B 36 10.24 20.13 23.99
CA GLU B 36 11.11 20.90 24.86
C GLU B 36 12.57 20.78 24.44
N TYR B 37 13.13 19.59 24.53
CA TYR B 37 14.44 19.38 23.95
C TYR B 37 14.31 19.41 22.44
N THR B 38 15.19 20.16 21.79
CA THR B 38 15.21 20.23 20.34
C THR B 38 16.51 20.90 19.92
N MET B 39 16.67 21.05 18.61
CA MET B 39 17.80 21.78 18.07
C MET B 39 17.67 23.26 18.39
N GLN B 40 18.63 24.03 17.91
CA GLN B 40 18.54 25.48 17.96
C GLN B 40 17.51 25.94 16.93
N LEU B 41 16.47 26.62 17.41
CA LEU B 41 15.30 26.86 16.57
C LEU B 41 14.97 28.35 16.55
N SER B 42 14.12 28.71 15.60
CA SER B 42 13.66 30.09 15.50
C SER B 42 12.72 30.43 16.65
N GLY B 43 13.04 31.50 17.36
CA GLY B 43 12.29 31.84 18.55
C GLY B 43 10.81 32.04 18.29
N GLU B 44 10.46 32.55 17.10
CA GLU B 44 9.05 32.81 16.82
C GLU B 44 8.24 31.52 16.88
N TYR B 45 8.55 30.56 16.03
CA TYR B 45 7.83 29.31 16.05
C TYR B 45 8.07 28.56 17.36
N LEU B 46 9.24 28.73 17.96
CA LEU B 46 9.50 28.17 19.27
C LEU B 46 8.43 28.58 20.27
N VAL B 47 8.25 29.89 20.45
CA VAL B 47 7.27 30.34 21.43
C VAL B 47 5.86 30.11 20.91
N ARG B 48 5.67 29.93 19.60
CA ARG B 48 4.36 29.49 19.12
C ARG B 48 4.04 28.11 19.68
N LEU B 49 5.00 27.19 19.60
CA LEU B 49 4.88 25.92 20.29
C LEU B 49 4.60 26.12 21.76
N TYR B 50 5.29 27.07 22.37
CA TYR B 50 5.03 27.39 23.78
C TYR B 50 3.57 27.77 23.99
N LEU B 51 3.01 28.54 23.05
CA LEU B 51 1.61 28.93 23.14
C LEU B 51 0.71 27.71 23.14
N VAL B 52 0.94 26.82 22.17
CA VAL B 52 0.14 25.60 22.12
C VAL B 52 0.32 24.81 23.40
N ASP B 53 1.52 24.84 23.97
CA ASP B 53 1.78 24.10 25.21
C ASP B 53 1.00 24.69 26.38
N LEU B 54 0.90 26.03 26.45
CA LEU B 54 0.08 26.63 27.49
C LEU B 54 -1.39 26.29 27.28
N ILE B 55 -1.83 26.25 26.02
CA ILE B 55 -3.16 25.75 25.71
C ILE B 55 -3.35 24.39 26.36
N LEU B 56 -2.37 23.51 26.18
CA LEU B 56 -2.49 22.17 26.73
C LEU B 56 -2.45 22.17 28.26
N VAL B 57 -1.69 23.09 28.86
CA VAL B 57 -1.68 23.18 30.31
C VAL B 57 -3.05 23.60 30.83
N ILE B 58 -3.79 24.36 30.03
CA ILE B 58 -5.18 24.64 30.41
C ILE B 58 -5.97 23.34 30.50
N ILE B 59 -5.76 22.44 29.55
CA ILE B 59 -6.45 21.16 29.57
C ILE B 59 -5.96 20.34 30.75
N LEU B 60 -4.68 20.49 31.10
CA LEU B 60 -4.15 19.88 32.31
C LEU B 60 -4.93 20.35 33.52
N TRP B 61 -5.14 21.66 33.62
CA TRP B 61 -5.97 22.22 34.68
C TRP B 61 -7.34 21.55 34.70
N ALA B 62 -7.97 21.46 33.53
CA ALA B 62 -9.32 20.90 33.46
C ALA B 62 -9.34 19.45 33.93
N ASP B 63 -8.44 18.61 33.41
CA ASP B 63 -8.47 17.20 33.74
C ASP B 63 -8.13 16.97 35.20
N TYR B 64 -7.10 17.65 35.71
CA TYR B 64 -6.73 17.43 37.10
C TYR B 64 -7.79 18.01 38.04
N ALA B 65 -8.54 19.00 37.57
CA ALA B 65 -9.71 19.42 38.32
C ALA B 65 -10.75 18.31 38.37
N TYR B 66 -10.99 17.66 37.23
CA TYR B 66 -11.96 16.56 37.22
C TYR B 66 -11.45 15.38 38.04
N ARG B 67 -10.14 15.27 38.24
CA ARG B 67 -9.61 14.21 39.08
C ARG B 67 -10.19 14.29 40.49
N ALA B 68 -10.22 15.49 41.06
CA ALA B 68 -10.94 15.70 42.29
C ALA B 68 -12.39 16.09 42.00
N TYR B 69 -13.16 16.32 43.05
CA TYR B 69 -14.54 16.76 42.92
C TYR B 69 -14.65 18.28 42.97
N LYS B 70 -13.62 18.99 42.51
CA LYS B 70 -13.49 20.45 42.50
C LYS B 70 -13.29 21.00 43.90
N SER B 71 -13.15 20.14 44.90
CA SER B 71 -12.86 20.56 46.26
C SER B 71 -11.59 19.88 46.74
N GLY B 72 -11.05 20.39 47.85
CA GLY B 72 -9.82 19.90 48.42
C GLY B 72 -9.98 18.76 49.40
N ASP B 73 -11.20 18.40 49.75
CA ASP B 73 -11.41 17.26 50.64
C ASP B 73 -10.72 15.98 50.17
N PRO B 74 -10.58 15.69 48.87
CA PRO B 74 -9.69 14.57 48.50
C PRO B 74 -8.23 14.94 48.69
N ALA B 75 -7.83 15.11 49.96
CA ALA B 75 -6.48 15.56 50.26
C ALA B 75 -5.44 14.53 49.84
N GLY B 76 -5.78 13.25 49.91
CA GLY B 76 -4.84 12.23 49.47
C GLY B 76 -4.51 12.33 47.99
N TYR B 77 -5.55 12.48 47.16
CA TYR B 77 -5.31 12.65 45.74
C TYR B 77 -4.66 14.00 45.44
N VAL B 78 -4.95 15.00 46.27
CA VAL B 78 -4.20 16.25 46.21
C VAL B 78 -2.71 15.96 46.39
N LYS B 79 -2.37 15.15 47.39
CA LYS B 79 -0.99 14.78 47.60
C LYS B 79 -0.42 14.02 46.40
N LYS B 80 -1.19 13.08 45.85
CA LYS B 80 -0.74 12.40 44.64
C LYS B 80 -0.73 13.33 43.44
N THR B 81 -1.60 14.35 43.46
CA THR B 81 -1.52 15.39 42.43
C THR B 81 -0.18 16.12 42.50
N LEU B 82 0.34 16.29 43.72
CA LEU B 82 1.67 16.89 43.88
C LEU B 82 2.72 16.07 43.14
N TYR B 83 2.54 14.76 43.08
CA TYR B 83 3.44 13.93 42.28
C TYR B 83 3.34 14.31 40.81
N GLU B 84 2.16 14.69 40.36
CA GLU B 84 1.90 14.91 38.95
C GLU B 84 1.57 16.35 38.62
N ILE B 85 1.64 17.25 39.59
CA ILE B 85 1.55 18.68 39.32
C ILE B 85 2.77 19.19 38.53
N PRO B 86 3.96 18.55 38.59
CA PRO B 86 5.01 18.98 37.66
C PRO B 86 4.56 18.94 36.22
N ALA B 87 3.67 18.02 35.87
CA ALA B 87 3.06 18.05 34.54
C ALA B 87 2.33 19.37 34.30
N LEU B 88 1.54 19.80 35.27
CA LEU B 88 0.79 21.06 35.13
C LEU B 88 1.72 22.26 35.05
N VAL B 89 2.98 22.12 35.45
CA VAL B 89 3.90 23.25 35.39
C VAL B 89 4.15 23.64 33.93
N PRO B 90 4.04 24.91 33.56
CA PRO B 90 4.19 25.28 32.14
C PRO B 90 5.62 25.59 31.75
N ALA B 91 6.01 25.12 30.56
CA ALA B 91 7.34 25.43 30.05
C ALA B 91 7.43 26.88 29.60
N GLY B 92 6.31 27.46 29.17
CA GLY B 92 6.27 28.86 28.79
C GLY B 92 6.78 29.75 29.91
N LEU B 93 6.40 29.40 31.13
CA LEU B 93 6.88 30.09 32.31
C LEU B 93 8.26 29.61 32.73
N LEU B 94 8.51 28.31 32.61
CA LEU B 94 9.78 27.78 33.07
C LEU B 94 10.94 28.38 32.28
N ALA B 95 10.88 28.31 30.95
CA ALA B 95 11.96 28.84 30.13
C ALA B 95 12.08 30.34 30.29
N LEU B 96 10.99 31.05 30.57
CA LEU B 96 11.09 32.48 30.77
C LEU B 96 11.81 32.80 32.07
N ILE B 97 11.49 32.08 33.14
CA ILE B 97 12.24 32.26 34.38
C ILE B 97 13.69 31.83 34.17
N GLU B 98 13.91 30.87 33.27
CA GLU B 98 15.27 30.48 32.91
C GLU B 98 16.02 31.65 32.30
N GLY B 99 15.38 32.34 31.35
CA GLY B 99 16.00 33.52 30.76
C GLY B 99 16.25 34.60 31.79
N HIS B 100 15.33 34.76 32.74
CA HIS B 100 15.57 35.71 33.83
C HIS B 100 16.83 35.34 34.60
N LEU B 101 16.96 34.06 34.97
CA LEU B 101 18.15 33.62 35.69
C LEU B 101 19.41 33.84 34.86
N ALA B 102 19.30 33.63 33.55
CA ALA B 102 20.42 33.91 32.67
C ALA B 102 20.80 35.38 32.77
N GLY B 103 19.81 36.26 32.80
CA GLY B 103 20.08 37.66 33.10
C GLY B 103 20.75 37.83 34.45
N LEU B 104 20.52 36.90 35.36
CA LEU B 104 21.19 36.96 36.65
C LEU B 104 22.57 36.33 36.62
N GLY B 105 22.74 35.24 35.89
CA GLY B 105 24.03 34.58 35.79
C GLY B 105 24.21 33.38 36.70
N LEU B 106 23.26 32.45 36.68
CA LEU B 106 23.20 31.34 37.63
C LEU B 106 23.31 30.02 36.87
N PHE B 107 24.55 29.64 36.56
CA PHE B 107 24.80 28.42 35.79
C PHE B 107 24.23 27.19 36.50
N ARG B 108 24.70 26.94 37.73
CA ARG B 108 24.26 25.76 38.48
C ARG B 108 22.74 25.76 38.63
N LEU B 109 22.13 26.92 38.80
CA LEU B 109 20.68 26.98 38.87
C LEU B 109 20.04 26.62 37.53
N VAL B 110 20.70 26.94 36.42
CA VAL B 110 20.20 26.51 35.12
C VAL B 110 20.25 25.00 35.01
N ARG B 111 21.34 24.39 35.48
CA ARG B 111 21.39 22.92 35.52
C ARG B 111 20.28 22.36 36.38
N LEU B 112 20.01 23.01 37.52
CA LEU B 112 18.90 22.60 38.39
C LEU B 112 17.59 22.65 37.63
N LEU B 113 17.35 23.73 36.89
CA LEU B 113 16.12 23.83 36.11
C LEU B 113 16.07 22.78 35.01
N ARG B 114 17.23 22.38 34.48
CA ARG B 114 17.24 21.30 33.49
C ARG B 114 16.81 19.98 34.12
N PHE B 115 17.35 19.67 35.30
CA PHE B 115 16.87 18.51 36.04
C PHE B 115 15.38 18.60 36.29
N LEU B 116 14.91 19.81 36.60
CA LEU B 116 13.48 20.04 36.77
C LEU B 116 12.71 19.72 35.49
N ARG B 117 13.28 20.10 34.35
CA ARG B 117 12.67 19.80 33.06
C ARG B 117 12.54 18.29 32.87
N ILE B 118 13.60 17.56 33.20
CA ILE B 118 13.56 16.10 33.09
C ILE B 118 12.49 15.52 34.01
N LEU B 119 12.39 16.06 35.22
CA LEU B 119 11.38 15.58 36.15
C LEU B 119 9.98 15.80 35.60
N LEU B 120 9.72 17.01 35.08
CA LEU B 120 8.43 17.29 34.45
C LEU B 120 8.18 16.34 33.29
N ILE B 121 9.23 16.04 32.53
CA ILE B 121 9.14 15.06 31.44
C ILE B 121 8.59 13.75 31.98
N ILE B 122 9.25 13.19 32.98
CA ILE B 122 8.86 11.89 33.51
C ILE B 122 7.46 11.96 34.09
N SER B 123 7.11 13.09 34.70
CA SER B 123 5.78 13.25 35.28
C SER B 123 4.71 13.17 34.20
N ARG B 124 4.89 13.92 33.11
CA ARG B 124 3.92 13.88 32.04
C ARG B 124 3.88 12.51 31.39
N GLY B 125 5.02 11.81 31.33
CA GLY B 125 5.01 10.46 30.81
C GLY B 125 4.16 9.54 31.67
N SER B 126 4.30 9.62 32.98
CA SER B 126 3.49 8.80 33.85
C SER B 126 2.02 9.18 33.75
N LYS B 127 1.73 10.48 33.61
CA LYS B 127 0.35 10.89 33.40
C LYS B 127 -0.21 10.28 32.13
N PHE B 128 0.63 10.21 31.09
CA PHE B 128 0.26 9.51 29.87
C PHE B 128 -0.05 8.05 30.16
N LEU B 129 0.80 7.40 30.95
CA LEU B 129 0.55 6.01 31.33
C LEU B 129 -0.83 5.86 31.97
N SER B 130 -1.13 6.76 32.90
CA SER B 130 -2.41 6.72 33.59
C SER B 130 -3.57 6.87 32.61
N ALA B 131 -3.50 7.89 31.77
CA ALA B 131 -4.59 8.15 30.83
C ALA B 131 -4.78 6.98 29.88
N ILE B 132 -3.68 6.39 29.41
CA ILE B 132 -3.78 5.28 28.47
C ILE B 132 -4.38 4.05 29.15
N ALA B 133 -4.02 3.81 30.41
CA ALA B 133 -4.64 2.71 31.14
C ALA B 133 -6.14 2.93 31.28
N ASP B 134 -6.54 4.12 31.72
CA ASP B 134 -7.96 4.38 31.91
C ASP B 134 -8.72 4.29 30.58
N ALA B 135 -8.10 4.74 29.49
CA ALA B 135 -8.72 4.57 28.19
C ALA B 135 -8.82 3.10 27.82
N ALA B 136 -7.80 2.31 28.16
CA ALA B 136 -7.85 0.88 27.93
C ALA B 136 -8.97 0.23 28.71
N ASP B 137 -9.40 0.85 29.80
CA ASP B 137 -10.53 0.36 30.58
C ASP B 137 -11.84 1.00 30.17
N LYS B 138 -11.96 1.44 28.91
CA LYS B 138 -13.20 2.01 28.43
C LYS B 138 -14.21 0.92 28.13
N ILE B 139 -15.49 1.30 28.11
CA ILE B 139 -16.57 0.32 28.10
C ILE B 139 -16.77 -0.23 26.69
N ARG B 140 -17.16 0.62 25.76
CA ARG B 140 -17.68 0.20 24.46
C ARG B 140 -16.56 0.06 23.46
N PHE B 141 -16.33 -1.17 23.00
CA PHE B 141 -15.40 -1.37 21.89
C PHE B 141 -16.05 -1.09 20.56
N TYR B 142 -17.37 -0.88 20.53
CA TYR B 142 -17.99 -0.30 19.35
C TYR B 142 -17.59 1.15 19.19
N HIS B 143 -17.36 1.84 20.31
CA HIS B 143 -16.92 3.23 20.35
C HIS B 143 -15.58 3.39 19.64
N LEU B 144 -14.89 2.28 19.41
CA LEU B 144 -13.64 2.32 18.68
C LEU B 144 -13.81 2.92 17.29
N PHE B 145 -15.00 2.79 16.71
CA PHE B 145 -15.28 3.36 15.39
C PHE B 145 -14.84 4.82 15.35
N GLY B 146 -15.35 5.61 16.31
CA GLY B 146 -14.86 6.97 16.44
C GLY B 146 -13.43 7.02 16.96
N ALA B 147 -13.15 6.29 18.05
CA ALA B 147 -11.87 6.42 18.75
C ALA B 147 -10.68 6.31 17.81
N VAL B 148 -10.77 5.44 16.81
CA VAL B 148 -9.66 5.26 15.89
C VAL B 148 -9.43 6.53 15.09
N MET B 149 -10.48 7.00 14.40
CA MET B 149 -10.39 8.23 13.64
C MET B 149 -9.89 9.38 14.51
N LEU B 150 -10.32 9.40 15.77
CA LEU B 150 -9.85 10.42 16.69
C LEU B 150 -8.35 10.34 16.89
N THR B 151 -7.86 9.15 17.24
CA THR B 151 -6.42 8.94 17.35
C THR B 151 -5.70 9.36 16.07
N VAL B 152 -6.34 9.11 14.93
CA VAL B 152 -5.73 9.40 13.64
C VAL B 152 -5.52 10.91 13.50
N LEU B 153 -6.61 11.66 13.56
CA LEU B 153 -6.49 13.11 13.42
C LEU B 153 -5.59 13.67 14.51
N TYR B 154 -5.55 13.03 15.67
CA TYR B 154 -4.59 13.45 16.68
C TYR B 154 -3.18 13.34 16.15
N GLY B 155 -2.77 12.14 15.74
CA GLY B 155 -1.44 11.96 15.22
C GLY B 155 -1.14 12.91 14.09
N ALA B 156 -2.16 13.23 13.30
CA ALA B 156 -2.03 14.27 12.30
C ALA B 156 -1.56 15.57 12.95
N PHE B 157 -2.33 16.06 13.91
CA PHE B 157 -1.95 17.27 14.63
C PHE B 157 -0.55 17.15 15.22
N ALA B 158 -0.17 15.95 15.65
CA ALA B 158 1.11 15.79 16.33
C ALA B 158 2.26 15.91 15.35
N ILE B 159 2.15 15.23 14.22
CA ILE B 159 3.11 15.42 13.14
C ILE B 159 3.20 16.89 12.80
N TYR B 160 2.05 17.55 12.70
CA TYR B 160 2.05 18.98 12.45
C TYR B 160 2.91 19.70 13.47
N ILE B 161 2.67 19.41 14.75
CA ILE B 161 3.43 20.03 15.82
C ILE B 161 4.92 19.87 15.58
N VAL B 162 5.35 18.63 15.36
CA VAL B 162 6.77 18.38 15.34
C VAL B 162 7.42 18.95 14.08
N GLU B 163 6.67 19.11 13.00
CA GLU B 163 7.34 19.42 11.75
C GLU B 163 7.04 20.80 11.19
N TYR B 164 5.78 21.23 11.21
CA TYR B 164 5.38 22.55 10.73
C TYR B 164 6.38 23.66 11.05
N PRO B 165 6.94 23.75 12.25
CA PRO B 165 8.05 24.68 12.45
C PRO B 165 9.39 24.09 12.07
N ASP B 166 9.53 22.78 12.09
CA ASP B 166 10.81 22.17 11.78
C ASP B 166 11.22 22.50 10.35
N PRO B 167 12.47 22.93 10.13
CA PRO B 167 12.87 23.39 8.81
C PRO B 167 13.11 22.24 7.85
N ASN B 168 13.18 22.59 6.57
CA ASN B 168 13.54 21.70 5.47
C ASN B 168 12.74 20.39 5.48
N SER B 169 11.60 20.38 6.17
CA SER B 169 10.76 19.19 6.18
C SER B 169 10.02 19.02 4.87
N SER B 170 9.81 20.13 4.15
CA SER B 170 8.97 20.21 2.96
C SER B 170 7.49 20.03 3.28
N ILE B 171 7.11 20.07 4.56
CA ILE B 171 5.73 19.92 4.95
C ILE B 171 5.30 21.13 5.76
N LYS B 172 5.96 22.27 5.50
CA LYS B 172 5.76 23.44 6.35
C LYS B 172 4.32 23.94 6.32
N SER B 173 3.58 23.62 5.26
CA SER B 173 2.18 24.02 5.20
C SER B 173 1.34 23.15 6.12
N VAL B 174 0.19 23.71 6.53
CA VAL B 174 -0.58 23.12 7.63
C VAL B 174 -1.37 21.90 7.17
N PHE B 175 -2.42 22.14 6.38
CA PHE B 175 -3.39 21.08 6.08
C PHE B 175 -2.74 19.84 5.52
N ASP B 176 -1.59 20.00 4.86
CA ASP B 176 -0.82 18.87 4.38
C ASP B 176 -0.53 17.87 5.48
N ALA B 177 -0.49 18.33 6.74
CA ALA B 177 -0.48 17.40 7.85
C ALA B 177 -1.60 16.39 7.72
N LEU B 178 -2.84 16.88 7.60
CA LEU B 178 -3.97 15.98 7.39
C LEU B 178 -3.75 15.12 6.17
N TRP B 179 -3.12 15.68 5.13
CA TRP B 179 -2.91 14.94 3.91
C TRP B 179 -2.06 13.70 4.14
N TRP B 180 -0.79 13.93 4.51
CA TRP B 180 0.13 12.82 4.79
C TRP B 180 -0.45 11.88 5.84
N ALA B 181 -1.17 12.44 6.81
CA ALA B 181 -1.78 11.61 7.83
C ALA B 181 -2.73 10.60 7.21
N VAL B 182 -3.78 11.08 6.55
CA VAL B 182 -4.74 10.18 5.95
C VAL B 182 -4.06 9.27 4.95
N VAL B 183 -3.05 9.78 4.25
CA VAL B 183 -2.23 8.93 3.40
C VAL B 183 -1.77 7.71 4.17
N THR B 184 -1.16 7.95 5.32
CA THR B 184 -0.66 6.85 6.14
C THR B 184 -1.80 5.96 6.61
N ALA B 185 -2.77 6.56 7.29
CA ALA B 185 -3.92 5.82 7.80
C ALA B 185 -4.58 4.98 6.72
N THR B 186 -4.45 5.41 5.47
CA THR B 186 -4.94 4.70 4.31
C THR B 186 -3.86 3.85 3.69
N THR B 187 -2.67 3.84 4.30
CA THR B 187 -1.57 3.02 3.81
C THR B 187 -1.27 3.34 2.35
N VAL B 188 -1.16 4.63 2.04
CA VAL B 188 -0.86 5.02 0.66
C VAL B 188 0.64 5.09 0.46
N GLY B 189 1.29 6.06 1.10
CA GLY B 189 2.68 6.35 0.84
C GLY B 189 2.92 7.05 -0.47
N TYR B 190 2.24 8.18 -0.69
CA TYR B 190 2.41 8.91 -1.94
C TYR B 190 3.86 9.31 -2.18
N GLY B 191 4.69 9.31 -1.14
CA GLY B 191 6.11 9.46 -1.30
C GLY B 191 6.63 10.87 -1.41
N ASP B 192 5.82 11.83 -1.85
CA ASP B 192 6.31 13.20 -1.92
C ASP B 192 6.40 13.84 -0.54
N VAL B 193 5.84 13.21 0.48
CA VAL B 193 5.79 13.76 1.82
C VAL B 193 6.17 12.67 2.82
N VAL B 194 7.13 12.97 3.69
CA VAL B 194 7.57 12.01 4.70
C VAL B 194 8.35 12.77 5.76
N PRO B 195 8.39 12.29 7.00
CA PRO B 195 9.09 13.06 8.06
C PRO B 195 10.56 13.31 7.77
N ALA B 196 11.33 12.27 7.47
CA ALA B 196 12.77 12.37 7.24
C ALA B 196 13.52 12.89 8.46
N THR B 197 12.93 12.74 9.66
CA THR B 197 13.57 13.10 10.91
C THR B 197 13.39 11.95 11.88
N PRO B 198 14.32 11.78 12.82
CA PRO B 198 14.27 10.60 13.68
C PRO B 198 12.96 10.45 14.44
N ILE B 199 12.63 11.45 15.26
CA ILE B 199 11.40 11.33 16.03
C ILE B 199 10.19 11.50 15.12
N GLY B 200 10.36 12.25 14.03
CA GLY B 200 9.33 12.24 13.00
C GLY B 200 9.02 10.83 12.56
N LYS B 201 10.06 10.04 12.27
CA LYS B 201 9.85 8.66 11.88
C LYS B 201 9.33 7.83 13.04
N VAL B 202 9.62 8.23 14.27
CA VAL B 202 9.05 7.53 15.43
C VAL B 202 7.53 7.67 15.41
N ILE B 203 7.06 8.91 15.36
CA ILE B 203 5.63 9.13 15.23
C ILE B 203 5.11 8.51 13.95
N GLY B 204 6.01 8.32 12.97
CA GLY B 204 5.64 7.56 11.80
C GLY B 204 5.30 6.12 12.14
N ILE B 205 6.15 5.48 12.94
CA ILE B 205 5.83 4.15 13.47
C ILE B 205 4.46 4.18 14.10
N ALA B 206 4.23 5.21 14.91
CA ALA B 206 2.96 5.36 15.60
C ALA B 206 1.81 5.34 14.60
N VAL B 207 1.83 6.29 13.67
CA VAL B 207 0.74 6.43 12.72
C VAL B 207 0.65 5.22 11.81
N MET B 208 1.73 4.47 11.65
CA MET B 208 1.68 3.30 10.78
C MET B 208 0.91 2.17 11.45
N LEU B 209 1.32 1.82 12.67
CA LEU B 209 0.50 0.88 13.44
C LEU B 209 -0.92 1.41 13.60
N THR B 210 -1.07 2.73 13.58
CA THR B 210 -2.40 3.31 13.70
C THR B 210 -3.25 2.99 12.49
N GLY B 211 -2.75 3.30 11.29
CA GLY B 211 -3.46 2.94 10.08
C GLY B 211 -3.68 1.45 9.98
N ILE B 212 -2.75 0.66 10.53
CA ILE B 212 -2.96 -0.76 10.67
C ILE B 212 -4.24 -1.02 11.44
N SER B 213 -4.31 -0.49 12.66
CA SER B 213 -5.49 -0.66 13.50
C SER B 213 -6.75 -0.19 12.80
N ALA B 214 -6.65 0.91 12.06
CA ALA B 214 -7.79 1.40 11.31
C ALA B 214 -8.26 0.37 10.32
N LEU B 215 -7.35 -0.13 9.50
CA LEU B 215 -7.65 -1.21 8.58
C LEU B 215 -8.32 -2.38 9.29
N THR B 216 -7.81 -2.73 10.47
CA THR B 216 -8.37 -3.85 11.21
C THR B 216 -9.82 -3.58 11.59
N LEU B 217 -10.08 -2.39 12.13
CA LEU B 217 -11.44 -1.99 12.42
C LEU B 217 -12.32 -2.08 11.19
N LEU B 218 -11.78 -1.69 10.04
CA LEU B 218 -12.52 -1.78 8.80
C LEU B 218 -12.88 -3.22 8.50
N ILE B 219 -11.93 -4.13 8.70
CA ILE B 219 -12.20 -5.55 8.49
C ILE B 219 -13.28 -6.04 9.44
N GLY B 220 -13.25 -5.56 10.68
CA GLY B 220 -14.29 -5.93 11.63
C GLY B 220 -15.65 -5.46 11.17
N THR B 221 -15.73 -4.20 10.73
CA THR B 221 -16.95 -3.71 10.12
C THR B 221 -17.35 -4.54 8.92
N VAL B 222 -16.36 -5.07 8.20
CA VAL B 222 -16.66 -5.93 7.05
C VAL B 222 -17.39 -7.18 7.50
N SER B 223 -16.82 -7.88 8.49
CA SER B 223 -17.47 -9.07 9.00
C SER B 223 -18.86 -8.76 9.56
N ASN B 224 -18.98 -7.60 10.21
CA ASN B 224 -20.28 -7.15 10.69
C ASN B 224 -21.28 -7.04 9.55
N MET B 225 -20.95 -6.22 8.55
CA MET B 225 -21.82 -6.05 7.40
C MET B 225 -22.10 -7.36 6.70
N PHE B 226 -21.16 -8.31 6.77
CA PHE B 226 -21.38 -9.61 6.17
C PHE B 226 -22.48 -10.36 6.91
N GLN B 227 -22.28 -10.58 8.20
CA GLN B 227 -23.28 -11.29 8.99
C GLN B 227 -24.62 -10.57 8.98
N LYS B 228 -24.64 -9.28 8.68
CA LYS B 228 -25.90 -8.54 8.64
C LYS B 228 -26.55 -8.53 7.26
N ILE B 229 -25.77 -8.61 6.18
CA ILE B 229 -26.36 -8.82 4.87
C ILE B 229 -26.84 -10.25 4.75
N LEU B 230 -26.33 -11.14 5.61
CA LEU B 230 -27.00 -12.42 5.82
C LEU B 230 -28.46 -12.21 6.22
N VAL B 231 -28.73 -11.15 6.96
CA VAL B 231 -30.10 -10.77 7.31
C VAL B 231 -30.71 -10.00 6.14
N ASP C 11 -1.98 -41.40 -19.99
CA ASP C 11 -0.93 -40.64 -19.33
C ASP C 11 -0.47 -39.47 -20.18
N VAL C 12 -1.38 -38.52 -20.40
CA VAL C 12 -1.13 -37.37 -21.25
C VAL C 12 -1.26 -36.11 -20.40
N MET C 13 -1.11 -34.96 -21.05
CA MET C 13 -1.15 -33.68 -20.33
C MET C 13 -2.59 -33.33 -19.95
N GLU C 14 -3.00 -33.72 -18.76
CA GLU C 14 -4.35 -33.41 -18.28
C GLU C 14 -4.36 -32.96 -16.83
N HIS C 15 -3.19 -32.82 -16.21
CA HIS C 15 -3.09 -32.31 -14.85
C HIS C 15 -3.71 -30.91 -14.78
N PRO C 16 -4.15 -30.49 -13.60
CA PRO C 16 -4.56 -29.08 -13.46
C PRO C 16 -3.49 -28.10 -13.93
N LEU C 17 -2.23 -28.39 -13.63
CA LEU C 17 -1.14 -27.58 -14.15
C LEU C 17 -1.15 -27.53 -15.67
N VAL C 18 -1.74 -28.53 -16.32
CA VAL C 18 -1.80 -28.53 -17.78
C VAL C 18 -2.68 -27.40 -18.27
N GLU C 19 -3.95 -27.39 -17.89
CA GLU C 19 -4.83 -26.31 -18.31
C GLU C 19 -4.34 -24.98 -17.75
N LEU C 20 -3.61 -25.02 -16.64
CA LEU C 20 -2.89 -23.83 -16.19
C LEU C 20 -1.99 -23.31 -17.30
N GLY C 21 -1.03 -24.11 -17.73
CA GLY C 21 -0.16 -23.72 -18.82
C GLY C 21 -0.92 -23.38 -20.08
N VAL C 22 -2.11 -23.96 -20.24
CA VAL C 22 -2.96 -23.64 -21.39
C VAL C 22 -3.39 -22.18 -21.33
N SER C 23 -4.04 -21.80 -20.23
CA SER C 23 -4.38 -20.40 -20.01
C SER C 23 -3.16 -19.51 -20.17
N TYR C 24 -2.03 -19.96 -19.62
CA TYR C 24 -0.78 -19.21 -19.72
C TYR C 24 -0.42 -18.94 -21.17
N ALA C 25 -0.43 -19.98 -22.00
CA ALA C 25 -0.07 -19.83 -23.40
C ALA C 25 -1.08 -18.95 -24.13
N ALA C 26 -2.35 -19.05 -23.76
CA ALA C 26 -3.35 -18.20 -24.39
C ALA C 26 -3.07 -16.73 -24.10
N LEU C 27 -2.85 -16.42 -22.83
CA LEU C 27 -2.48 -15.07 -22.45
C LEU C 27 -1.23 -14.62 -23.20
N LEU C 28 -0.26 -15.51 -23.33
CA LEU C 28 0.97 -15.15 -24.02
C LEU C 28 0.74 -14.92 -25.51
N SER C 29 -0.22 -15.63 -26.09
CA SER C 29 -0.58 -15.37 -27.48
C SER C 29 -1.19 -13.98 -27.61
N VAL C 30 -2.05 -13.60 -26.66
CA VAL C 30 -2.53 -12.23 -26.61
C VAL C 30 -1.35 -11.28 -26.52
N ILE C 31 -0.34 -11.66 -25.75
CA ILE C 31 0.84 -10.84 -25.59
C ILE C 31 1.53 -10.64 -26.94
N VAL C 32 1.69 -11.73 -27.68
CA VAL C 32 2.29 -11.64 -29.01
C VAL C 32 1.46 -10.74 -29.90
N VAL C 33 0.14 -10.87 -29.82
CA VAL C 33 -0.74 -10.00 -30.57
C VAL C 33 -0.38 -8.55 -30.30
N VAL C 34 -0.35 -8.18 -29.03
CA VAL C 34 0.13 -6.86 -28.64
C VAL C 34 1.46 -6.56 -29.32
N VAL C 35 2.36 -7.53 -29.30
CA VAL C 35 3.71 -7.33 -29.81
C VAL C 35 3.66 -6.89 -31.27
N GLU C 36 2.81 -7.52 -32.06
CA GLU C 36 2.88 -7.38 -33.51
C GLU C 36 2.82 -5.93 -33.93
N TYR C 37 1.70 -5.26 -33.68
CA TYR C 37 1.67 -3.83 -33.86
C TYR C 37 2.52 -3.19 -32.79
N THR C 38 3.39 -2.27 -33.20
CA THR C 38 4.21 -1.52 -32.27
C THR C 38 4.84 -0.36 -33.01
N MET C 39 5.65 0.41 -32.29
CA MET C 39 6.39 1.49 -32.90
C MET C 39 7.49 0.93 -33.80
N GLN C 40 8.26 1.83 -34.39
CA GLN C 40 9.46 1.43 -35.10
C GLN C 40 10.52 1.00 -34.12
N LEU C 41 10.98 -0.25 -34.23
CA LEU C 41 11.77 -0.85 -33.17
C LEU C 41 13.06 -1.41 -33.75
N SER C 42 13.98 -1.73 -32.84
CA SER C 42 15.25 -2.33 -33.23
C SER C 42 15.03 -3.76 -33.68
N GLY C 43 15.50 -4.06 -34.89
CA GLY C 43 15.24 -5.37 -35.47
C GLY C 43 15.74 -6.51 -34.62
N GLU C 44 16.84 -6.31 -33.89
CA GLU C 44 17.39 -7.40 -33.09
C GLU C 44 16.39 -7.86 -32.04
N TYR C 45 15.99 -6.97 -31.14
CA TYR C 45 15.02 -7.35 -30.12
C TYR C 45 13.67 -7.66 -30.74
N LEU C 46 13.35 -7.02 -31.86
CA LEU C 46 12.14 -7.35 -32.60
C LEU C 46 12.09 -8.84 -32.92
N VAL C 47 13.11 -9.33 -33.62
CA VAL C 47 13.09 -10.74 -33.99
C VAL C 47 13.34 -11.62 -32.78
N ARG C 48 13.92 -11.08 -31.70
CA ARG C 48 13.97 -11.84 -30.46
C ARG C 48 12.57 -12.13 -29.95
N LEU C 49 11.72 -11.09 -29.95
CA LEU C 49 10.30 -11.29 -29.68
C LEU C 49 9.71 -12.32 -30.64
N TYR C 50 10.10 -12.23 -31.92
CA TYR C 50 9.65 -13.23 -32.88
C TYR C 50 10.04 -14.63 -32.45
N LEU C 51 11.25 -14.78 -31.91
CA LEU C 51 11.70 -16.08 -31.44
C LEU C 51 10.80 -16.59 -30.33
N VAL C 52 10.54 -15.74 -29.34
CA VAL C 52 9.65 -16.13 -28.26
C VAL C 52 8.28 -16.48 -28.82
N ASP C 53 7.85 -15.77 -29.86
CA ASP C 53 6.55 -16.03 -30.45
C ASP C 53 6.52 -17.40 -31.13
N LEU C 54 7.60 -17.78 -31.81
CA LEU C 54 7.66 -19.11 -32.38
C LEU C 54 7.66 -20.17 -31.29
N ILE C 55 8.36 -19.90 -30.20
CA ILE C 55 8.27 -20.75 -29.02
C ILE C 55 6.82 -20.98 -28.66
N LEU C 56 6.05 -19.89 -28.61
CA LEU C 56 4.65 -20.00 -28.23
C LEU C 56 3.84 -20.74 -29.28
N VAL C 57 4.18 -20.59 -30.56
CA VAL C 57 3.49 -21.34 -31.60
C VAL C 57 3.73 -22.82 -31.44
N ILE C 58 4.88 -23.21 -30.90
CA ILE C 58 5.08 -24.61 -30.56
C ILE C 58 4.06 -25.07 -29.53
N ILE C 59 3.79 -24.22 -28.54
CA ILE C 59 2.78 -24.57 -27.54
C ILE C 59 1.40 -24.59 -28.17
N LEU C 60 1.20 -23.72 -29.16
CA LEU C 60 -0.03 -23.77 -29.95
C LEU C 60 -0.20 -25.13 -30.60
N TRP C 61 0.87 -25.62 -31.23
CA TRP C 61 0.88 -26.96 -31.79
C TRP C 61 0.48 -27.98 -30.74
N ALA C 62 1.11 -27.91 -29.57
CA ALA C 62 0.85 -28.89 -28.52
C ALA C 62 -0.62 -28.86 -28.09
N ASP C 63 -1.14 -27.67 -27.78
CA ASP C 63 -2.49 -27.58 -27.26
C ASP C 63 -3.51 -28.00 -28.31
N TYR C 64 -3.35 -27.53 -29.55
CA TYR C 64 -4.32 -27.88 -30.57
C TYR C 64 -4.21 -29.35 -30.94
N ALA C 65 -3.03 -29.94 -30.75
CA ALA C 65 -2.93 -31.39 -30.85
C ALA C 65 -3.75 -32.07 -29.76
N TYR C 66 -3.66 -31.56 -28.53
CA TYR C 66 -4.45 -32.15 -27.44
C TYR C 66 -5.94 -31.92 -27.66
N ARG C 67 -6.30 -30.89 -28.44
CA ARG C 67 -7.71 -30.66 -28.75
C ARG C 67 -8.31 -31.87 -29.42
N ALA C 68 -7.63 -32.43 -30.41
CA ALA C 68 -8.01 -33.71 -30.98
C ALA C 68 -7.35 -34.84 -30.21
N TYR C 69 -7.62 -36.07 -30.63
CA TYR C 69 -7.01 -37.24 -30.03
C TYR C 69 -5.75 -37.67 -30.78
N LYS C 70 -5.04 -36.71 -31.39
CA LYS C 70 -3.84 -36.88 -32.19
C LYS C 70 -4.14 -37.53 -33.53
N SER C 71 -5.43 -37.74 -33.84
CA SER C 71 -5.84 -38.28 -35.14
C SER C 71 -6.82 -37.33 -35.79
N GLY C 72 -7.05 -37.53 -37.07
CA GLY C 72 -7.92 -36.69 -37.85
C GLY C 72 -9.37 -37.09 -37.86
N ASP C 73 -9.71 -38.23 -37.26
CA ASP C 73 -11.11 -38.62 -37.17
C ASP C 73 -12.02 -37.55 -36.57
N PRO C 74 -11.58 -36.73 -35.61
CA PRO C 74 -12.43 -35.57 -35.25
C PRO C 74 -12.41 -34.50 -36.35
N ALA C 75 -13.00 -34.85 -37.49
CA ALA C 75 -12.95 -33.96 -38.65
C ALA C 75 -13.72 -32.67 -38.39
N GLY C 76 -14.78 -32.74 -37.59
CA GLY C 76 -15.52 -31.53 -37.27
C GLY C 76 -14.69 -30.53 -36.50
N TYR C 77 -13.98 -31.00 -35.47
CA TYR C 77 -13.11 -30.11 -34.71
C TYR C 77 -11.91 -29.69 -35.54
N VAL C 78 -11.47 -30.55 -36.46
CA VAL C 78 -10.50 -30.14 -37.47
C VAL C 78 -11.02 -28.92 -38.22
N LYS C 79 -12.27 -28.97 -38.67
CA LYS C 79 -12.88 -27.84 -39.35
C LYS C 79 -12.93 -26.62 -38.45
N LYS C 80 -13.33 -26.79 -37.19
CA LYS C 80 -13.32 -25.68 -36.26
C LYS C 80 -11.89 -25.24 -35.93
N THR C 81 -10.94 -26.17 -36.02
CA THR C 81 -9.54 -25.79 -35.89
C THR C 81 -9.13 -24.86 -37.02
N LEU C 82 -9.70 -25.06 -38.21
CA LEU C 82 -9.45 -24.15 -39.31
C LEU C 82 -9.88 -22.74 -38.97
N TYR C 83 -10.93 -22.60 -38.15
CA TYR C 83 -11.29 -21.27 -37.67
C TYR C 83 -10.19 -20.68 -36.81
N GLU C 84 -9.47 -21.53 -36.07
CA GLU C 84 -8.50 -21.07 -35.09
C GLU C 84 -7.08 -21.46 -35.44
N ILE C 85 -6.85 -22.08 -36.59
CA ILE C 85 -5.50 -22.29 -37.10
C ILE C 85 -4.82 -20.98 -37.46
N PRO C 86 -5.53 -19.88 -37.81
CA PRO C 86 -4.81 -18.60 -37.95
C PRO C 86 -4.00 -18.25 -36.72
N ALA C 87 -4.47 -18.65 -35.54
CA ALA C 87 -3.67 -18.49 -34.34
C ALA C 87 -2.35 -19.23 -34.46
N LEU C 88 -2.40 -20.47 -34.93
CA LEU C 88 -1.19 -21.28 -35.08
C LEU C 88 -0.25 -20.70 -36.13
N VAL C 89 -0.74 -19.82 -36.99
CA VAL C 89 0.13 -19.23 -38.02
C VAL C 89 1.18 -18.37 -37.36
N PRO C 90 2.46 -18.51 -37.70
CA PRO C 90 3.51 -17.76 -37.02
C PRO C 90 3.81 -16.41 -37.66
N ALA C 91 4.00 -15.39 -36.83
CA ALA C 91 4.36 -14.08 -37.35
C ALA C 91 5.81 -14.06 -37.83
N GLY C 92 6.66 -14.90 -37.24
CA GLY C 92 8.04 -15.01 -37.70
C GLY C 92 8.12 -15.33 -39.17
N LEU C 93 7.22 -16.19 -39.61
CA LEU C 93 7.11 -16.53 -41.02
C LEU C 93 6.31 -15.48 -41.79
N LEU C 94 5.25 -14.96 -41.17
CA LEU C 94 4.41 -14.01 -41.88
C LEU C 94 5.18 -12.77 -42.27
N ALA C 95 5.83 -12.13 -41.30
CA ALA C 95 6.59 -10.92 -41.59
C ALA C 95 7.75 -11.19 -42.54
N LEU C 96 8.32 -12.38 -42.49
CA LEU C 96 9.40 -12.69 -43.43
C LEU C 96 8.88 -12.80 -44.85
N ILE C 97 7.74 -13.47 -45.04
CA ILE C 97 7.13 -13.50 -46.36
C ILE C 97 6.70 -12.09 -46.77
N GLU C 98 6.35 -11.26 -45.79
CA GLU C 98 6.05 -9.86 -46.07
C GLU C 98 7.26 -9.16 -46.64
N GLY C 99 8.43 -9.35 -46.02
CA GLY C 99 9.65 -8.76 -46.56
C GLY C 99 9.97 -9.28 -47.93
N HIS C 100 9.72 -10.57 -48.17
CA HIS C 100 9.89 -11.12 -49.52
C HIS C 100 9.01 -10.37 -50.52
N LEU C 101 7.73 -10.20 -50.19
CA LEU C 101 6.83 -9.47 -51.08
C LEU C 101 7.30 -8.05 -51.29
N ALA C 102 7.83 -7.43 -50.24
CA ALA C 102 8.40 -6.10 -50.38
C ALA C 102 9.52 -6.11 -51.40
N GLY C 103 10.37 -7.14 -51.34
CA GLY C 103 11.34 -7.34 -52.41
C GLY C 103 10.68 -7.49 -53.76
N LEU C 104 9.44 -7.97 -53.79
CA LEU C 104 8.72 -8.08 -55.04
C LEU C 104 8.04 -6.77 -55.43
N GLY C 105 7.49 -6.04 -54.45
CA GLY C 105 6.83 -4.77 -54.75
C GLY C 105 5.33 -4.85 -54.83
N LEU C 106 4.68 -5.46 -53.85
CA LEU C 106 3.25 -5.76 -53.89
C LEU C 106 2.54 -5.03 -52.76
N PHE C 107 2.22 -3.75 -53.00
CA PHE C 107 1.59 -2.92 -51.99
C PHE C 107 0.25 -3.51 -51.55
N ARG C 108 -0.67 -3.69 -52.49
CA ARG C 108 -2.00 -4.21 -52.15
C ARG C 108 -1.89 -5.56 -51.46
N LEU C 109 -0.93 -6.39 -51.84
CA LEU C 109 -0.75 -7.65 -51.15
C LEU C 109 -0.24 -7.43 -49.73
N VAL C 110 0.53 -6.37 -49.50
CA VAL C 110 0.94 -6.06 -48.13
C VAL C 110 -0.27 -5.67 -47.30
N ARG C 111 -1.17 -4.87 -47.88
CA ARG C 111 -2.42 -4.55 -47.19
C ARG C 111 -3.22 -5.83 -46.89
N LEU C 112 -3.25 -6.75 -47.86
CA LEU C 112 -3.91 -8.03 -47.65
C LEU C 112 -3.31 -8.77 -46.46
N LEU C 113 -1.98 -8.80 -46.39
CA LEU C 113 -1.32 -9.46 -45.27
C LEU C 113 -1.60 -8.73 -43.95
N ARG C 114 -1.80 -7.42 -44.01
CA ARG C 114 -2.18 -6.69 -42.80
C ARG C 114 -3.55 -7.11 -42.32
N PHE C 115 -4.52 -7.19 -43.23
CA PHE C 115 -5.82 -7.74 -42.88
C PHE C 115 -5.70 -9.14 -42.32
N LEU C 116 -4.79 -9.93 -42.90
CA LEU C 116 -4.51 -11.26 -42.37
C LEU C 116 -3.99 -11.19 -40.93
N ARG C 117 -3.13 -10.21 -40.66
CA ARG C 117 -2.62 -10.01 -39.30
C ARG C 117 -3.76 -9.73 -38.34
N ILE C 118 -4.69 -8.87 -38.75
CA ILE C 118 -5.84 -8.55 -37.90
C ILE C 118 -6.68 -9.79 -37.67
N LEU C 119 -6.86 -10.61 -38.71
CA LEU C 119 -7.64 -11.83 -38.56
C LEU C 119 -6.98 -12.77 -37.55
N LEU C 120 -5.67 -12.97 -37.70
CA LEU C 120 -4.93 -13.78 -36.73
C LEU C 120 -5.08 -13.21 -35.33
N ILE C 121 -5.06 -11.89 -35.20
CA ILE C 121 -5.28 -11.23 -33.92
C ILE C 121 -6.59 -11.70 -33.32
N ILE C 122 -7.67 -11.54 -34.07
CA ILE C 122 -8.99 -11.88 -33.55
C ILE C 122 -9.07 -13.37 -33.23
N SER C 123 -8.40 -14.19 -34.05
CA SER C 123 -8.41 -15.63 -33.81
C SER C 123 -7.77 -15.96 -32.47
N ARG C 124 -6.59 -15.41 -32.22
CA ARG C 124 -5.93 -15.67 -30.95
C ARG C 124 -6.71 -15.11 -29.79
N GLY C 125 -7.40 -13.99 -30.00
CA GLY C 125 -8.26 -13.46 -28.95
C GLY C 125 -9.38 -14.42 -28.60
N SER C 126 -10.02 -14.99 -29.62
CA SER C 126 -11.08 -15.95 -29.35
C SER C 126 -10.52 -17.22 -28.70
N LYS C 127 -9.33 -17.64 -29.12
CA LYS C 127 -8.70 -18.77 -28.46
C LYS C 127 -8.46 -18.47 -26.99
N PHE C 128 -8.07 -17.23 -26.69
CA PHE C 128 -7.96 -16.79 -25.31
C PHE C 128 -9.29 -16.90 -24.60
N LEU C 129 -10.36 -16.46 -25.25
CA LEU C 129 -11.69 -16.58 -24.66
C LEU C 129 -11.98 -18.03 -24.29
N SER C 130 -11.70 -18.94 -25.22
CA SER C 130 -11.94 -20.36 -24.98
C SER C 130 -11.14 -20.86 -23.79
N ALA C 131 -9.84 -20.58 -23.78
CA ALA C 131 -8.99 -21.07 -22.70
C ALA C 131 -9.44 -20.52 -21.36
N ILE C 132 -9.82 -19.25 -21.32
CA ILE C 132 -10.23 -18.64 -20.06
C ILE C 132 -11.54 -19.24 -19.58
N ALA C 133 -12.46 -19.53 -20.50
CA ALA C 133 -13.69 -20.19 -20.10
C ALA C 133 -13.40 -21.56 -19.51
N ASP C 134 -12.59 -22.36 -20.21
CA ASP C 134 -12.29 -23.71 -19.72
C ASP C 134 -11.57 -23.65 -18.38
N ALA C 135 -10.68 -22.67 -18.20
CA ALA C 135 -10.05 -22.50 -16.90
C ALA C 135 -11.06 -22.10 -15.84
N ALA C 136 -12.03 -21.26 -16.21
CA ALA C 136 -13.10 -20.90 -15.29
C ALA C 136 -13.92 -22.10 -14.90
N ASP C 137 -13.92 -23.15 -15.73
CA ASP C 137 -14.62 -24.40 -15.40
C ASP C 137 -13.69 -25.41 -14.75
N LYS C 138 -12.64 -24.96 -14.08
CA LYS C 138 -11.75 -25.88 -13.39
C LYS C 138 -12.37 -26.37 -12.08
N ILE C 139 -11.89 -27.49 -11.59
CA ILE C 139 -12.56 -28.20 -10.51
C ILE C 139 -12.25 -27.56 -9.17
N ARG C 140 -10.98 -27.56 -8.77
CA ARG C 140 -10.58 -27.27 -7.40
C ARG C 140 -10.31 -25.79 -7.25
N PHE C 141 -11.11 -25.12 -6.42
CA PHE C 141 -10.81 -23.74 -6.06
C PHE C 141 -9.77 -23.66 -4.96
N TYR C 142 -9.41 -24.80 -4.35
CA TYR C 142 -8.22 -24.85 -3.51
C TYR C 142 -6.97 -24.70 -4.37
N HIS C 143 -7.03 -25.22 -5.60
CA HIS C 143 -5.95 -25.14 -6.57
C HIS C 143 -5.60 -23.70 -6.89
N LEU C 144 -6.50 -22.78 -6.51
CA LEU C 144 -6.23 -21.36 -6.72
C LEU C 144 -4.96 -20.93 -6.00
N PHE C 145 -4.61 -21.60 -4.89
CA PHE C 145 -3.38 -21.29 -4.16
C PHE C 145 -2.21 -21.18 -5.11
N GLY C 146 -1.98 -22.24 -5.89
CA GLY C 146 -0.99 -22.17 -6.94
C GLY C 146 -1.41 -21.24 -8.07
N ALA C 147 -2.63 -21.42 -8.58
CA ALA C 147 -3.06 -20.73 -9.79
C ALA C 147 -2.80 -19.23 -9.73
N VAL C 148 -2.98 -18.62 -8.57
CA VAL C 148 -2.77 -17.19 -8.44
C VAL C 148 -1.31 -16.85 -8.66
N MET C 149 -0.43 -17.48 -7.89
CA MET C 149 1.01 -17.25 -8.06
C MET C 149 1.43 -17.50 -9.49
N LEU C 150 0.83 -18.50 -10.13
CA LEU C 150 1.14 -18.78 -11.52
C LEU C 150 0.77 -17.60 -12.41
N THR C 151 -0.48 -17.12 -12.29
CA THR C 151 -0.88 -15.93 -13.03
C THR C 151 0.05 -14.77 -12.75
N VAL C 152 0.53 -14.68 -11.51
CA VAL C 152 1.40 -13.57 -11.12
C VAL C 152 2.70 -13.62 -11.90
N LEU C 153 3.44 -14.72 -11.75
CA LEU C 153 4.71 -14.84 -12.47
C LEU C 153 4.48 -14.74 -13.97
N TYR C 154 3.31 -15.16 -14.45
CA TYR C 154 3.00 -14.96 -15.85
C TYR C 154 3.03 -13.47 -16.18
N GLY C 155 2.18 -12.70 -15.50
CA GLY C 155 2.15 -11.28 -15.78
C GLY C 155 3.51 -10.64 -15.65
N ALA C 156 4.32 -11.16 -14.74
CA ALA C 156 5.72 -10.75 -14.67
C ALA C 156 6.39 -10.94 -16.01
N PHE C 157 6.38 -12.18 -16.51
CA PHE C 157 6.96 -12.45 -17.81
C PHE C 157 6.38 -11.56 -18.90
N ALA C 158 5.10 -11.22 -18.78
CA ALA C 158 4.43 -10.46 -19.82
C ALA C 158 4.91 -9.01 -19.83
N ILE C 159 4.96 -8.40 -18.66
CA ILE C 159 5.57 -7.09 -18.54
C ILE C 159 6.98 -7.13 -19.10
N TYR C 160 7.73 -8.18 -18.77
CA TYR C 160 9.06 -8.33 -19.33
C TYR C 160 9.00 -8.27 -20.85
N ILE C 161 8.10 -9.06 -21.44
CA ILE C 161 7.96 -9.09 -22.89
C ILE C 161 7.76 -7.67 -23.43
N VAL C 162 6.79 -6.96 -22.86
CA VAL C 162 6.42 -5.71 -23.48
C VAL C 162 7.47 -4.64 -23.27
N GLU C 163 8.29 -4.76 -22.22
CA GLU C 163 9.13 -3.62 -21.88
C GLU C 163 10.62 -3.86 -22.05
N TYR C 164 11.12 -5.03 -21.62
CA TYR C 164 12.53 -5.37 -21.76
C TYR C 164 13.16 -4.92 -23.07
N PRO C 165 12.52 -5.07 -24.23
CA PRO C 165 13.06 -4.42 -25.44
C PRO C 165 12.61 -2.98 -25.57
N ASP C 166 11.48 -2.62 -24.99
CA ASP C 166 10.97 -1.26 -25.14
C ASP C 166 11.96 -0.26 -24.57
N PRO C 167 12.28 0.81 -25.30
CA PRO C 167 13.32 1.72 -24.85
C PRO C 167 12.85 2.64 -23.73
N ASN C 168 13.82 3.28 -23.08
CA ASN C 168 13.61 4.32 -22.08
C ASN C 168 12.62 3.90 -20.99
N SER C 169 12.38 2.59 -20.85
CA SER C 169 11.48 2.11 -19.82
C SER C 169 12.14 2.18 -18.45
N SER C 170 13.47 2.16 -18.41
CA SER C 170 14.29 2.04 -17.20
C SER C 170 14.14 0.68 -16.55
N ILE C 171 13.55 -0.30 -17.23
CA ILE C 171 13.38 -1.63 -16.68
C ILE C 171 14.02 -2.64 -17.63
N LYS C 172 15.02 -2.19 -18.38
CA LYS C 172 15.57 -3.01 -19.45
C LYS C 172 16.19 -4.30 -18.93
N SER C 173 16.59 -4.32 -17.66
CA SER C 173 17.12 -5.54 -17.09
C SER C 173 16.02 -6.55 -16.81
N VAL C 174 16.41 -7.83 -16.77
CA VAL C 174 15.43 -8.92 -16.80
C VAL C 174 14.75 -9.10 -15.45
N PHE C 175 15.50 -9.64 -14.48
CA PHE C 175 14.90 -10.10 -13.23
C PHE C 175 14.08 -9.01 -12.56
N ASP C 176 14.43 -7.74 -12.81
CA ASP C 176 13.63 -6.63 -12.29
C ASP C 176 12.18 -6.75 -12.69
N ALA C 177 11.89 -7.45 -13.79
CA ALA C 177 10.52 -7.81 -14.08
C ALA C 177 9.88 -8.49 -12.87
N LEU C 178 10.51 -9.57 -12.39
CA LEU C 178 10.02 -10.24 -11.20
C LEU C 178 9.92 -9.25 -10.04
N TRP C 179 10.86 -8.32 -9.96
CA TRP C 179 10.88 -7.37 -8.86
C TRP C 179 9.61 -6.53 -8.84
N TRP C 180 9.43 -5.70 -9.87
CA TRP C 180 8.25 -4.85 -9.97
C TRP C 180 6.97 -5.68 -9.90
N ALA C 181 7.01 -6.89 -10.46
CA ALA C 181 5.85 -7.75 -10.40
C ALA C 181 5.45 -8.04 -8.97
N VAL C 182 6.34 -8.67 -8.22
CA VAL C 182 6.03 -9.00 -6.83
C VAL C 182 5.72 -7.74 -6.05
N VAL C 183 6.40 -6.65 -6.37
CA VAL C 183 6.04 -5.35 -5.80
C VAL C 183 4.55 -5.13 -5.93
N THR C 184 4.06 -5.24 -7.16
CA THR C 184 2.64 -5.02 -7.41
C THR C 184 1.78 -6.04 -6.67
N ALA C 185 2.04 -7.31 -6.92
CA ALA C 185 1.29 -8.39 -6.28
C ALA C 185 1.26 -8.23 -4.77
N THR C 186 2.26 -7.57 -4.22
CA THR C 186 2.35 -7.26 -2.81
C THR C 186 1.84 -5.87 -2.53
N THR C 187 1.35 -5.18 -3.56
CA THR C 187 0.80 -3.85 -3.40
C THR C 187 1.80 -2.92 -2.73
N VAL C 188 3.04 -2.92 -3.23
CA VAL C 188 4.06 -2.05 -2.66
C VAL C 188 4.05 -0.69 -3.35
N GLY C 189 4.42 -0.68 -4.62
CA GLY C 189 4.62 0.57 -5.34
C GLY C 189 5.89 1.30 -4.94
N TYR C 190 7.03 0.62 -5.01
CA TYR C 190 8.29 1.25 -4.63
C TYR C 190 8.57 2.51 -5.44
N GLY C 191 7.92 2.67 -6.58
CA GLY C 191 7.94 3.92 -7.30
C GLY C 191 9.11 4.13 -8.23
N ASP C 192 10.25 3.48 -7.98
CA ASP C 192 11.37 3.66 -8.90
C ASP C 192 11.16 2.92 -10.21
N VAL C 193 10.15 2.05 -10.28
CA VAL C 193 9.91 1.23 -11.45
C VAL C 193 8.41 1.25 -11.75
N VAL C 194 8.07 1.56 -13.00
CA VAL C 194 6.68 1.61 -13.44
C VAL C 194 6.65 1.57 -14.95
N PRO C 195 5.58 1.08 -15.57
CA PRO C 195 5.57 0.98 -17.04
C PRO C 195 5.74 2.30 -17.76
N ALA C 196 4.94 3.31 -17.43
CA ALA C 196 4.97 4.61 -18.09
C ALA C 196 4.65 4.52 -19.58
N THR C 197 3.97 3.46 -20.00
CA THR C 197 3.52 3.28 -21.37
C THR C 197 2.05 2.87 -21.34
N PRO C 198 1.29 3.21 -22.38
CA PRO C 198 -0.15 2.96 -22.33
C PRO C 198 -0.50 1.50 -22.09
N ILE C 199 -0.07 0.61 -22.97
CA ILE C 199 -0.43 -0.79 -22.77
C ILE C 199 0.35 -1.37 -21.62
N GLY C 200 1.54 -0.82 -21.34
CA GLY C 200 2.19 -1.17 -20.11
C GLY C 200 1.31 -0.92 -18.91
N LYS C 201 0.68 0.25 -18.87
CA LYS C 201 -0.25 0.54 -17.78
C LYS C 201 -1.50 -0.32 -17.86
N VAL C 202 -1.86 -0.77 -19.07
CA VAL C 202 -2.98 -1.71 -19.17
C VAL C 202 -2.67 -3.00 -18.43
N ILE C 203 -1.54 -3.61 -18.78
CA ILE C 203 -1.11 -4.80 -18.06
C ILE C 203 -0.88 -4.44 -16.60
N GLY C 204 -0.64 -3.17 -16.31
CA GLY C 204 -0.60 -2.74 -14.93
C GLY C 204 -1.94 -2.90 -14.25
N ILE C 205 -3.02 -2.47 -14.92
CA ILE C 205 -4.35 -2.75 -14.42
C ILE C 205 -4.49 -4.23 -14.14
N ALA C 206 -4.05 -5.03 -15.09
CA ALA C 206 -4.12 -6.48 -14.96
C ALA C 206 -3.46 -6.92 -13.67
N VAL C 207 -2.17 -6.64 -13.53
CA VAL C 207 -1.42 -7.09 -12.39
C VAL C 207 -1.93 -6.47 -11.10
N MET C 208 -2.61 -5.32 -11.18
CA MET C 208 -3.11 -4.70 -9.97
C MET C 208 -4.31 -5.46 -9.44
N LEU C 209 -5.31 -5.66 -10.30
CA LEU C 209 -6.40 -6.56 -9.91
C LEU C 209 -5.87 -7.93 -9.54
N THR C 210 -4.73 -8.31 -10.12
CA THR C 210 -4.14 -9.61 -9.79
C THR C 210 -3.65 -9.65 -8.36
N GLY C 211 -2.82 -8.68 -7.98
CA GLY C 211 -2.39 -8.58 -6.59
C GLY C 211 -3.56 -8.43 -5.65
N ILE C 212 -4.61 -7.77 -6.10
CA ILE C 212 -5.85 -7.73 -5.36
C ILE C 212 -6.33 -9.16 -5.07
N SER C 213 -6.52 -9.93 -6.13
CA SER C 213 -6.97 -11.31 -5.98
C SER C 213 -6.03 -12.11 -5.09
N ALA C 214 -4.74 -11.86 -5.21
CA ALA C 214 -3.78 -12.54 -4.35
C ALA C 214 -4.06 -12.24 -2.89
N LEU C 215 -4.15 -10.95 -2.57
CA LEU C 215 -4.54 -10.52 -1.23
C LEU C 215 -5.80 -11.22 -0.77
N THR C 216 -6.78 -11.32 -1.65
CA THR C 216 -8.05 -11.94 -1.28
C THR C 216 -7.84 -13.41 -0.91
N LEU C 217 -7.10 -14.13 -1.75
CA LEU C 217 -6.75 -15.50 -1.43
C LEU C 217 -6.05 -15.60 -0.09
N LEU C 218 -5.19 -14.63 0.20
CA LEU C 218 -4.50 -14.62 1.48
C LEU C 218 -5.50 -14.49 2.61
N ILE C 219 -6.49 -13.60 2.44
CA ILE C 219 -7.53 -13.44 3.46
C ILE C 219 -8.31 -14.73 3.63
N GLY C 220 -8.57 -15.43 2.53
CA GLY C 220 -9.25 -16.70 2.63
C GLY C 220 -8.45 -17.72 3.42
N THR C 221 -7.16 -17.81 3.11
CA THR C 221 -6.26 -18.63 3.92
C THR C 221 -6.27 -18.19 5.37
N VAL C 222 -6.45 -16.89 5.62
CA VAL C 222 -6.52 -16.38 6.98
C VAL C 222 -7.71 -16.98 7.71
N SER C 223 -8.89 -16.87 7.08
CA SER C 223 -10.08 -17.43 7.70
C SER C 223 -9.94 -18.94 7.89
N ASN C 224 -9.30 -19.60 6.93
CA ASN C 224 -9.03 -21.02 7.06
C ASN C 224 -8.19 -21.31 8.30
N MET C 225 -7.02 -20.68 8.39
CA MET C 225 -6.14 -20.88 9.53
C MET C 225 -6.83 -20.48 10.83
N PHE C 226 -7.77 -19.54 10.77
CA PHE C 226 -8.52 -19.17 11.96
C PHE C 226 -9.41 -20.32 12.43
N GLN C 227 -10.31 -20.77 11.56
CA GLN C 227 -11.19 -21.86 11.92
C GLN C 227 -10.42 -23.13 12.26
N LYS C 228 -9.17 -23.24 11.81
CA LYS C 228 -8.38 -24.42 12.12
C LYS C 228 -7.56 -24.28 13.40
N ILE C 229 -7.15 -23.06 13.76
CA ILE C 229 -6.54 -22.86 15.07
C ILE C 229 -7.61 -22.91 16.13
N LEU C 230 -8.88 -22.74 15.74
CA LEU C 230 -9.97 -23.15 16.62
C LEU C 230 -9.83 -24.62 17.01
N VAL C 231 -9.31 -25.44 16.10
CA VAL C 231 -9.01 -26.83 16.40
C VAL C 231 -7.66 -26.92 17.10
N ASP D 11 16.34 -26.32 34.04
CA ASP D 11 16.22 -24.89 33.85
C ASP D 11 17.20 -24.40 32.80
N VAL D 12 17.03 -24.85 31.57
CA VAL D 12 17.91 -24.53 30.47
C VAL D 12 17.12 -23.77 29.40
N MET D 13 17.78 -23.46 28.30
CA MET D 13 17.15 -22.71 27.23
C MET D 13 16.19 -23.59 26.44
N GLU D 14 14.91 -23.60 26.83
CA GLU D 14 13.92 -24.39 26.12
C GLU D 14 12.61 -23.63 25.94
N HIS D 15 12.56 -22.36 26.35
CA HIS D 15 11.39 -21.53 26.13
C HIS D 15 11.09 -21.45 24.63
N PRO D 16 9.84 -21.16 24.26
CA PRO D 16 9.56 -20.88 22.84
C PRO D 16 10.45 -19.80 22.27
N LEU D 17 10.73 -18.76 23.04
CA LEU D 17 11.69 -17.74 22.63
C LEU D 17 13.05 -18.36 22.33
N VAL D 18 13.37 -19.50 22.93
CA VAL D 18 14.66 -20.14 22.67
C VAL D 18 14.74 -20.62 21.24
N GLU D 19 13.84 -21.50 20.82
CA GLU D 19 13.85 -21.96 19.43
C GLU D 19 13.59 -20.80 18.49
N LEU D 20 12.91 -19.76 18.97
CA LEU D 20 12.84 -18.52 18.22
C LEU D 20 14.24 -18.02 17.88
N GLY D 21 15.03 -17.73 18.91
CA GLY D 21 16.40 -17.29 18.69
C GLY D 21 17.20 -18.30 17.90
N VAL D 22 16.82 -19.57 17.98
CA VAL D 22 17.48 -20.60 17.19
C VAL D 22 17.28 -20.35 15.71
N SER D 23 16.02 -20.29 15.29
CA SER D 23 15.69 -19.92 13.91
C SER D 23 16.38 -18.63 13.53
N TYR D 24 16.37 -17.66 14.44
CA TYR D 24 17.02 -16.37 14.20
C TYR D 24 18.49 -16.55 13.84
N ALA D 25 19.20 -17.31 14.66
CA ALA D 25 20.62 -17.52 14.43
C ALA D 25 20.86 -18.30 13.15
N ALA D 26 19.97 -19.23 12.83
CA ALA D 26 20.12 -19.97 11.58
C ALA D 26 20.00 -19.04 10.39
N LEU D 27 18.96 -18.22 10.39
CA LEU D 27 18.81 -17.22 9.35
C LEU D 27 20.03 -16.32 9.27
N LEU D 28 20.56 -15.92 10.43
CA LEU D 28 21.73 -15.05 10.43
C LEU D 28 22.96 -15.76 9.89
N SER D 29 23.06 -17.06 10.12
CA SER D 29 24.15 -17.81 9.51
C SER D 29 24.04 -17.80 8.00
N VAL D 30 22.81 -17.98 7.50
CA VAL D 30 22.59 -17.81 6.06
C VAL D 30 23.03 -16.43 5.63
N ILE D 31 22.77 -15.44 6.48
CA ILE D 31 23.16 -14.07 6.19
C ILE D 31 24.67 -13.98 6.04
N VAL D 32 25.40 -14.57 6.98
CA VAL D 32 26.85 -14.58 6.91
C VAL D 32 27.31 -15.27 5.63
N VAL D 33 26.66 -16.37 5.29
CA VAL D 33 26.97 -17.06 4.04
C VAL D 33 26.92 -16.07 2.89
N VAL D 34 25.78 -15.37 2.77
CA VAL D 34 25.67 -14.30 1.79
C VAL D 34 26.86 -13.36 1.90
N VAL D 35 27.21 -12.99 3.13
CA VAL D 35 28.27 -12.02 3.35
C VAL D 35 29.56 -12.46 2.70
N GLU D 36 29.90 -13.75 2.83
CA GLU D 36 31.23 -14.21 2.51
C GLU D 36 31.62 -13.85 1.08
N TYR D 37 30.92 -14.41 0.11
CA TYR D 37 31.10 -13.94 -1.25
C TYR D 37 30.51 -12.54 -1.36
N THR D 38 31.27 -11.63 -1.95
CA THR D 38 30.80 -10.28 -2.18
C THR D 38 31.77 -9.60 -3.14
N MET D 39 31.48 -8.33 -3.43
CA MET D 39 32.38 -7.54 -4.23
C MET D 39 33.66 -7.23 -3.47
N GLN D 40 34.53 -6.46 -4.10
CA GLN D 40 35.70 -5.93 -3.42
C GLN D 40 35.25 -4.83 -2.47
N LEU D 41 35.53 -5.01 -1.17
CA LEU D 41 34.91 -4.17 -0.17
C LEU D 41 35.97 -3.56 0.72
N SER D 42 35.56 -2.55 1.50
CA SER D 42 36.45 -1.92 2.45
C SER D 42 36.73 -2.86 3.61
N GLY D 43 38.02 -3.07 3.88
CA GLY D 43 38.41 -4.04 4.88
C GLY D 43 37.84 -3.74 6.25
N GLU D 44 37.66 -2.46 6.58
CA GLU D 44 37.15 -2.11 7.90
C GLU D 44 35.77 -2.71 8.13
N TYR D 45 34.80 -2.31 7.32
CA TYR D 45 33.46 -2.85 7.46
C TYR D 45 33.43 -4.33 7.15
N LEU D 46 34.32 -4.79 6.27
CA LEU D 46 34.45 -6.22 6.02
C LEU D 46 34.68 -6.98 7.31
N VAL D 47 35.74 -6.62 8.03
CA VAL D 47 36.04 -7.36 9.25
C VAL D 47 35.05 -7.00 10.34
N ARG D 48 34.34 -5.88 10.23
CA ARG D 48 33.23 -5.63 11.15
C ARG D 48 32.15 -6.71 10.97
N LEU D 49 31.80 -6.98 9.72
CA LEU D 49 30.95 -8.13 9.42
C LEU D 49 31.53 -9.40 9.99
N TYR D 50 32.85 -9.57 9.85
CA TYR D 50 33.50 -10.73 10.44
C TYR D 50 33.26 -10.80 11.95
N LEU D 51 33.30 -9.64 12.61
CA LEU D 51 33.05 -9.58 14.04
C LEU D 51 31.65 -10.10 14.35
N VAL D 52 30.66 -9.57 13.64
CA VAL D 52 29.29 -10.01 13.84
C VAL D 52 29.19 -11.52 13.57
N ASP D 53 29.96 -11.99 12.60
CA ASP D 53 29.93 -13.41 12.27
C ASP D 53 30.49 -14.26 13.39
N LEU D 54 31.57 -13.80 14.03
CA LEU D 54 32.09 -14.53 15.18
C LEU D 54 31.09 -14.50 16.34
N ILE D 55 30.41 -13.36 16.51
CA ILE D 55 29.30 -13.31 17.46
C ILE D 55 28.33 -14.45 17.18
N LEU D 56 27.97 -14.63 15.92
CA LEU D 56 27.03 -15.67 15.56
C LEU D 56 27.60 -17.06 15.78
N VAL D 57 28.91 -17.23 15.56
CA VAL D 57 29.53 -18.52 15.82
C VAL D 57 29.46 -18.85 17.30
N ILE D 58 29.47 -17.83 18.15
CA ILE D 58 29.23 -18.09 19.58
C ILE D 58 27.85 -18.71 19.78
N ILE D 59 26.86 -18.19 19.06
CA ILE D 59 25.52 -18.74 19.17
C ILE D 59 25.48 -20.14 18.58
N LEU D 60 26.29 -20.37 17.56
CA LEU D 60 26.47 -21.72 17.02
C LEU D 60 26.96 -22.65 18.11
N TRP D 61 27.99 -22.22 18.84
CA TRP D 61 28.47 -22.99 19.98
C TRP D 61 27.34 -23.30 20.95
N ALA D 62 26.55 -22.27 21.30
CA ALA D 62 25.47 -22.45 22.26
C ALA D 62 24.44 -23.48 21.78
N ASP D 63 23.97 -23.31 20.55
CA ASP D 63 22.90 -24.17 20.04
C ASP D 63 23.40 -25.60 19.88
N TYR D 64 24.59 -25.78 19.31
CA TYR D 64 25.10 -27.13 19.11
C TYR D 64 25.44 -27.78 20.44
N ALA D 65 25.77 -26.97 21.46
CA ALA D 65 25.88 -27.51 22.81
C ALA D 65 24.54 -28.01 23.29
N TYR D 66 23.47 -27.24 23.05
CA TYR D 66 22.14 -27.68 23.48
C TYR D 66 21.69 -28.90 22.69
N ARG D 67 22.25 -29.09 21.49
CA ARG D 67 21.93 -30.29 20.71
C ARG D 67 22.25 -31.55 21.49
N ALA D 68 23.43 -31.61 22.10
CA ALA D 68 23.75 -32.66 23.04
C ALA D 68 23.32 -32.25 24.44
N TYR D 69 23.56 -33.14 25.40
CA TYR D 69 23.28 -32.86 26.80
C TYR D 69 24.49 -32.30 27.53
N LYS D 70 25.35 -31.59 26.82
CA LYS D 70 26.61 -30.98 27.29
C LYS D 70 27.66 -32.05 27.56
N SER D 71 27.39 -33.30 27.24
CA SER D 71 28.36 -34.38 27.37
C SER D 71 28.54 -35.07 26.03
N GLY D 72 29.59 -35.86 25.93
CA GLY D 72 29.93 -36.56 24.72
C GLY D 72 29.29 -37.92 24.54
N ASP D 73 28.59 -38.41 25.56
CA ASP D 73 27.88 -39.69 25.43
C ASP D 73 26.97 -39.76 24.21
N PRO D 74 26.31 -38.68 23.76
CA PRO D 74 25.64 -38.77 22.45
C PRO D 74 26.65 -38.78 21.30
N ALA D 75 27.43 -39.87 21.22
CA ALA D 75 28.51 -39.93 20.24
C ALA D 75 27.97 -39.95 18.82
N GLY D 76 26.79 -40.52 18.62
CA GLY D 76 26.19 -40.52 17.29
C GLY D 76 25.87 -39.12 16.80
N TYR D 77 25.24 -38.31 17.66
CA TYR D 77 24.96 -36.94 17.28
C TYR D 77 26.24 -36.11 17.20
N VAL D 78 27.25 -36.47 18.01
CA VAL D 78 28.58 -35.91 17.82
C VAL D 78 29.06 -36.16 16.40
N LYS D 79 28.90 -37.39 15.92
CA LYS D 79 29.28 -37.71 14.55
C LYS D 79 28.47 -36.90 13.55
N LYS D 80 27.15 -36.79 13.77
CA LYS D 80 26.34 -35.96 12.89
C LYS D 80 26.68 -34.49 13.08
N THR D 81 27.15 -34.10 14.26
CA THR D 81 27.65 -32.75 14.45
C THR D 81 28.87 -32.50 13.56
N LEU D 82 29.68 -33.53 13.35
CA LEU D 82 30.81 -33.41 12.43
C LEU D 82 30.33 -33.05 11.04
N TYR D 83 29.14 -33.53 10.65
CA TYR D 83 28.56 -33.10 9.38
C TYR D 83 28.30 -31.61 9.38
N GLU D 84 27.93 -31.06 10.53
CA GLU D 84 27.47 -29.69 10.62
C GLU D 84 28.39 -28.81 11.45
N ILE D 85 29.52 -29.35 11.91
CA ILE D 85 30.56 -28.52 12.53
C ILE D 85 31.21 -27.58 11.50
N PRO D 86 31.23 -27.87 10.20
CA PRO D 86 31.69 -26.82 9.27
C PRO D 86 30.94 -25.52 9.44
N ALA D 87 29.67 -25.58 9.81
CA ALA D 87 28.94 -24.37 10.15
C ALA D 87 29.61 -23.63 11.29
N LEU D 88 29.99 -24.37 12.35
CA LEU D 88 30.63 -23.74 13.50
C LEU D 88 31.99 -23.17 13.15
N VAL D 89 32.57 -23.57 12.02
CA VAL D 89 33.89 -23.04 11.64
C VAL D 89 33.77 -21.56 11.34
N PRO D 90 34.63 -20.71 11.89
CA PRO D 90 34.48 -19.26 11.68
C PRO D 90 35.21 -18.74 10.46
N ALA D 91 34.56 -17.84 9.74
CA ALA D 91 35.21 -17.22 8.58
C ALA D 91 36.28 -16.23 9.01
N GLY D 92 36.11 -15.62 10.19
CA GLY D 92 37.10 -14.71 10.72
C GLY D 92 38.47 -15.38 10.82
N LEU D 93 38.46 -16.65 11.19
CA LEU D 93 39.67 -17.44 11.24
C LEU D 93 40.03 -17.98 9.88
N LEU D 94 39.04 -18.39 9.10
CA LEU D 94 39.32 -19.00 7.81
C LEU D 94 40.03 -18.02 6.89
N ALA D 95 39.45 -16.84 6.70
CA ALA D 95 40.06 -15.85 5.82
C ALA D 95 41.41 -15.39 6.34
N LEU D 96 41.60 -15.38 7.66
CA LEU D 96 42.90 -14.99 8.18
C LEU D 96 43.96 -16.04 7.86
N ILE D 97 43.62 -17.31 8.04
CA ILE D 97 44.55 -18.37 7.63
C ILE D 97 44.76 -18.32 6.13
N GLU D 98 43.73 -17.88 5.39
CA GLU D 98 43.87 -17.68 3.94
C GLU D 98 44.94 -16.64 3.66
N GLY D 99 44.88 -15.50 4.35
CA GLY D 99 45.90 -14.48 4.19
C GLY D 99 47.27 -14.98 4.56
N HIS D 100 47.35 -15.80 5.61
CA HIS D 100 48.63 -16.43 5.96
C HIS D 100 49.17 -17.25 4.79
N LEU D 101 48.31 -18.10 4.22
CA LEU D 101 48.73 -18.92 3.09
C LEU D 101 49.15 -18.05 1.91
N ALA D 102 48.45 -16.94 1.71
CA ALA D 102 48.86 -15.99 0.68
C ALA D 102 50.26 -15.49 0.94
N GLY D 103 50.56 -15.18 2.20
CA GLY D 103 51.93 -14.90 2.57
C GLY D 103 52.86 -16.04 2.25
N LEU D 104 52.33 -17.27 2.23
CA LEU D 104 53.15 -18.42 1.86
C LEU D 104 53.23 -18.61 0.36
N GLY D 105 52.13 -18.38 -0.36
CA GLY D 105 52.12 -18.53 -1.81
C GLY D 105 51.55 -19.84 -2.30
N LEU D 106 50.36 -20.21 -1.82
CA LEU D 106 49.78 -21.52 -2.08
C LEU D 106 48.46 -21.35 -2.84
N PHE D 107 48.57 -21.20 -4.15
CA PHE D 107 47.39 -20.98 -4.99
C PHE D 107 46.40 -22.14 -4.86
N ARG D 108 46.85 -23.35 -5.20
CA ARG D 108 45.97 -24.51 -5.14
C ARG D 108 45.36 -24.69 -3.77
N LEU D 109 46.11 -24.38 -2.72
CA LEU D 109 45.54 -24.45 -1.38
C LEU D 109 44.49 -23.37 -1.16
N VAL D 110 44.63 -22.22 -1.81
CA VAL D 110 43.59 -21.20 -1.74
C VAL D 110 42.32 -21.70 -2.42
N ARG D 111 42.46 -22.37 -3.57
CA ARG D 111 41.30 -22.99 -4.20
C ARG D 111 40.67 -24.03 -3.29
N LEU D 112 41.50 -24.82 -2.60
CA LEU D 112 41.00 -25.79 -1.63
C LEU D 112 40.18 -25.10 -0.55
N LEU D 113 40.69 -23.99 -0.02
CA LEU D 113 39.96 -23.26 1.00
C LEU D 113 38.67 -22.67 0.44
N ARG D 114 38.66 -22.34 -0.85
CA ARG D 114 37.42 -21.86 -1.46
C ARG D 114 36.38 -22.97 -1.51
N PHE D 115 36.78 -24.16 -1.93
CA PHE D 115 35.89 -25.31 -1.86
C PHE D 115 35.41 -25.54 -0.43
N LEU D 116 36.31 -25.35 0.54
CA LEU D 116 35.92 -25.43 1.94
C LEU D 116 34.87 -24.40 2.30
N ARG D 117 35.01 -23.19 1.76
CA ARG D 117 34.02 -22.14 1.97
C ARG D 117 32.66 -22.58 1.45
N ILE D 118 32.64 -23.16 0.26
CA ILE D 118 31.39 -23.64 -0.32
C ILE D 118 30.78 -24.73 0.55
N LEU D 119 31.62 -25.63 1.06
CA LEU D 119 31.13 -26.69 1.93
C LEU D 119 30.50 -26.12 3.19
N LEU D 120 31.19 -25.18 3.83
CA LEU D 120 30.63 -24.50 5.00
C LEU D 120 29.30 -23.82 4.65
N ILE D 121 29.24 -23.23 3.45
CA ILE D 121 27.99 -22.63 2.97
C ILE D 121 26.87 -23.65 3.02
N ILE D 122 27.08 -24.78 2.36
CA ILE D 122 26.03 -25.80 2.27
C ILE D 122 25.68 -26.32 3.65
N SER D 123 26.69 -26.44 4.52
CA SER D 123 26.46 -26.92 5.88
C SER D 123 25.52 -25.98 6.63
N ARG D 124 25.82 -24.69 6.59
CA ARG D 124 24.96 -23.74 7.28
C ARG D 124 23.58 -23.69 6.65
N GLY D 125 23.49 -23.88 5.34
CA GLY D 125 22.19 -23.97 4.71
C GLY D 125 21.36 -25.12 5.24
N SER D 126 21.99 -26.30 5.37
CA SER D 126 21.27 -27.44 5.90
C SER D 126 20.91 -27.22 7.36
N LYS D 127 21.80 -26.58 8.13
CA LYS D 127 21.45 -26.25 9.50
C LYS D 127 20.24 -25.33 9.54
N PHE D 128 20.17 -24.39 8.59
CA PHE D 128 18.98 -23.56 8.45
C PHE D 128 17.75 -24.42 8.18
N LEU D 129 17.89 -25.39 7.28
CA LEU D 129 16.77 -26.30 7.01
C LEU D 129 16.28 -26.97 8.28
N SER D 130 17.23 -27.47 9.07
CA SER D 130 16.89 -28.14 10.31
C SER D 130 16.15 -27.21 11.26
N ALA D 131 16.71 -26.01 11.48
CA ALA D 131 16.10 -25.08 12.42
C ALA D 131 14.71 -24.67 11.96
N ILE D 132 14.53 -24.47 10.66
CA ILE D 132 13.23 -24.05 10.14
C ILE D 132 12.22 -25.17 10.30
N ALA D 133 12.64 -26.41 10.07
CA ALA D 133 11.73 -27.53 10.30
C ALA D 133 11.30 -27.59 11.76
N ASP D 134 12.27 -27.55 12.68
CA ASP D 134 11.94 -27.63 14.09
C ASP D 134 11.04 -26.46 14.52
N ALA D 135 11.28 -25.27 13.98
CA ALA D 135 10.39 -24.16 14.25
C ALA D 135 9.00 -24.41 13.68
N ALA D 136 8.93 -25.02 12.50
CA ALA D 136 7.65 -25.38 11.92
C ALA D 136 6.91 -26.38 12.80
N ASP D 137 7.63 -27.14 13.61
CA ASP D 137 7.02 -28.07 14.56
C ASP D 137 6.82 -27.45 15.93
N LYS D 138 6.68 -26.14 16.01
CA LYS D 138 6.42 -25.49 17.29
C LYS D 138 4.97 -25.67 17.71
N ILE D 139 4.73 -25.52 19.01
CA ILE D 139 3.44 -25.92 19.57
C ILE D 139 2.38 -24.86 19.31
N ARG D 140 2.58 -23.66 19.85
CA ARG D 140 1.52 -22.67 19.95
C ARG D 140 1.52 -21.78 18.71
N PHE D 141 0.45 -21.84 17.93
CA PHE D 141 0.28 -20.90 16.84
C PHE D 141 -0.26 -19.57 17.32
N TYR D 142 -0.68 -19.48 18.59
CA TYR D 142 -0.91 -18.18 19.20
C TYR D 142 0.41 -17.44 19.40
N HIS D 143 1.48 -18.19 19.64
CA HIS D 143 2.83 -17.67 19.82
C HIS D 143 3.29 -16.93 18.57
N LEU D 144 2.58 -17.14 17.46
CA LEU D 144 2.89 -16.44 16.23
C LEU D 144 2.81 -14.93 16.41
N PHE D 145 1.96 -14.46 17.33
CA PHE D 145 1.84 -13.04 17.61
C PHE D 145 3.20 -12.41 17.80
N GLY D 146 3.98 -12.98 18.73
CA GLY D 146 5.36 -12.55 18.86
C GLY D 146 6.22 -12.98 17.68
N ALA D 147 6.14 -14.26 17.31
CA ALA D 147 7.06 -14.82 16.32
C ALA D 147 7.15 -13.99 15.06
N VAL D 148 6.03 -13.43 14.61
CA VAL D 148 6.02 -12.63 13.40
C VAL D 148 6.87 -11.39 13.59
N MET D 149 6.55 -10.59 14.61
CA MET D 149 7.32 -9.40 14.91
C MET D 149 8.80 -9.72 15.06
N LEU D 150 9.09 -10.87 15.66
CA LEU D 150 10.47 -11.30 15.81
C LEU D 150 11.13 -11.49 14.44
N THR D 151 10.50 -12.28 13.58
CA THR D 151 11.00 -12.44 12.22
C THR D 151 11.18 -11.09 11.53
N VAL D 152 10.28 -10.16 11.83
CA VAL D 152 10.31 -8.85 11.20
C VAL D 152 11.58 -8.11 11.58
N LEU D 153 11.76 -7.88 12.89
CA LEU D 153 12.95 -7.18 13.35
C LEU D 153 14.20 -7.93 12.94
N TYR D 154 14.12 -9.24 12.82
CA TYR D 154 15.24 -9.99 12.30
C TYR D 154 15.58 -9.52 10.89
N GLY D 155 14.62 -9.62 9.98
CA GLY D 155 14.88 -9.20 8.61
C GLY D 155 15.36 -7.77 8.55
N ALA D 156 14.88 -6.94 9.48
CA ALA D 156 15.44 -5.60 9.62
C ALA D 156 16.94 -5.66 9.82
N PHE D 157 17.36 -6.37 10.88
CA PHE D 157 18.78 -6.53 11.15
C PHE D 157 19.52 -7.09 9.94
N ALA D 158 18.86 -7.96 9.18
CA ALA D 158 19.53 -8.63 8.06
C ALA D 158 19.77 -7.67 6.92
N ILE D 159 18.75 -6.90 6.56
CA ILE D 159 18.93 -5.83 5.60
C ILE D 159 20.04 -4.91 6.06
N TYR D 160 20.06 -4.58 7.35
CA TYR D 160 21.14 -3.77 7.89
C TYR D 160 22.48 -4.41 7.57
N ILE D 161 22.60 -5.70 7.88
CA ILE D 161 23.85 -6.42 7.62
C ILE D 161 24.26 -6.24 6.17
N VAL D 162 23.35 -6.52 5.25
CA VAL D 162 23.77 -6.58 3.86
C VAL D 162 24.05 -5.19 3.30
N GLU D 163 23.46 -4.15 3.88
CA GLU D 163 23.54 -2.87 3.19
C GLU D 163 24.34 -1.81 3.93
N TYR D 164 24.15 -1.69 5.26
CA TYR D 164 24.88 -0.72 6.06
C TYR D 164 26.34 -0.55 5.67
N PRO D 165 27.11 -1.61 5.40
CA PRO D 165 28.43 -1.39 4.80
C PRO D 165 28.40 -1.25 3.30
N ASP D 166 27.39 -1.80 2.64
CA ASP D 166 27.33 -1.74 1.19
C ASP D 166 27.26 -0.29 0.73
N PRO D 167 28.07 0.10 -0.25
CA PRO D 167 28.14 1.51 -0.64
C PRO D 167 26.94 1.94 -1.47
N ASN D 168 26.79 3.26 -1.60
CA ASN D 168 25.81 3.91 -2.47
C ASN D 168 24.41 3.36 -2.27
N SER D 169 24.15 2.70 -1.14
CA SER D 169 22.81 2.19 -0.87
C SER D 169 21.87 3.32 -0.47
N SER D 170 22.41 4.42 0.04
CA SER D 170 21.68 5.53 0.63
C SER D 170 21.00 5.14 1.94
N ILE D 171 21.34 3.98 2.51
CA ILE D 171 20.75 3.53 3.76
C ILE D 171 21.86 3.28 4.76
N LYS D 172 22.98 3.97 4.59
CA LYS D 172 24.17 3.66 5.38
C LYS D 172 23.94 3.87 6.88
N SER D 173 22.97 4.69 7.24
CA SER D 173 22.68 4.89 8.65
C SER D 173 21.92 3.68 9.21
N VAL D 174 22.02 3.51 10.53
CA VAL D 174 21.62 2.26 11.16
C VAL D 174 20.11 2.18 11.30
N PHE D 175 19.55 2.97 12.22
CA PHE D 175 18.15 2.80 12.62
C PHE D 175 17.21 2.83 11.43
N ASP D 176 17.60 3.51 10.36
CA ASP D 176 16.82 3.51 9.13
C ASP D 176 16.55 2.11 8.64
N ALA D 177 17.39 1.15 9.00
CA ALA D 177 17.04 -0.24 8.78
C ALA D 177 15.67 -0.55 9.36
N LEU D 178 15.50 -0.27 10.66
CA LEU D 178 14.20 -0.45 11.28
C LEU D 178 13.13 0.32 10.52
N TRP D 179 13.48 1.50 10.03
CA TRP D 179 12.51 2.34 9.34
C TRP D 179 11.97 1.64 8.11
N TRP D 180 12.82 1.42 7.12
CA TRP D 180 12.42 0.74 5.89
C TRP D 180 11.79 -0.61 6.19
N ALA D 181 12.29 -1.29 7.23
CA ALA D 181 11.71 -2.57 7.60
C ALA D 181 10.24 -2.42 7.95
N VAL D 182 9.94 -1.64 8.97
CA VAL D 182 8.55 -1.47 9.38
C VAL D 182 7.73 -0.91 8.23
N VAL D 183 8.34 -0.04 7.43
CA VAL D 183 7.69 0.41 6.21
C VAL D 183 7.17 -0.78 5.42
N THR D 184 8.05 -1.73 5.15
CA THR D 184 7.68 -2.90 4.39
C THR D 184 6.62 -3.71 5.13
N ALA D 185 6.93 -4.12 6.36
CA ALA D 185 6.01 -4.90 7.17
C ALA D 185 4.64 -4.26 7.25
N THR D 186 4.59 -2.95 7.09
CA THR D 186 3.37 -2.17 7.08
C THR D 186 2.91 -1.92 5.65
N THR D 187 3.64 -2.47 4.68
CA THR D 187 3.27 -2.33 3.28
C THR D 187 3.13 -0.86 2.90
N VAL D 188 4.11 -0.05 3.28
CA VAL D 188 4.07 1.37 2.95
C VAL D 188 4.71 1.62 1.60
N GLY D 189 6.02 1.42 1.50
CA GLY D 189 6.77 1.80 0.33
C GLY D 189 6.97 3.29 0.19
N TYR D 190 7.52 3.93 1.22
CA TYR D 190 7.73 5.38 1.16
C TYR D 190 8.60 5.79 -0.01
N GLY D 191 9.35 4.84 -0.59
CA GLY D 191 10.03 5.07 -1.84
C GLY D 191 11.38 5.75 -1.75
N ASP D 192 11.65 6.52 -0.70
CA ASP D 192 12.96 7.14 -0.59
C ASP D 192 14.04 6.14 -0.21
N VAL D 193 13.65 4.94 0.21
CA VAL D 193 14.57 3.93 0.70
C VAL D 193 14.21 2.59 0.08
N VAL D 194 15.19 1.92 -0.53
CA VAL D 194 14.98 0.63 -1.15
C VAL D 194 16.33 -0.03 -1.38
N PRO D 195 16.41 -1.36 -1.41
CA PRO D 195 17.72 -2.00 -1.56
C PRO D 195 18.48 -1.62 -2.82
N ALA D 196 17.84 -1.75 -3.98
CA ALA D 196 18.47 -1.47 -5.28
C ALA D 196 19.67 -2.38 -5.55
N THR D 197 19.74 -3.53 -4.89
CA THR D 197 20.77 -4.53 -5.11
C THR D 197 20.10 -5.88 -5.26
N PRO D 198 20.71 -6.78 -6.01
CA PRO D 198 20.03 -8.06 -6.32
C PRO D 198 19.64 -8.82 -5.07
N ILE D 199 20.61 -9.19 -4.23
CA ILE D 199 20.25 -9.96 -3.06
C ILE D 199 19.54 -9.08 -2.05
N GLY D 200 19.82 -7.78 -2.07
CA GLY D 200 18.98 -6.87 -1.31
C GLY D 200 17.53 -7.02 -1.68
N LYS D 201 17.23 -7.05 -2.98
CA LYS D 201 15.85 -7.25 -3.40
C LYS D 201 15.36 -8.66 -3.09
N VAL D 202 16.28 -9.63 -3.00
CA VAL D 202 15.88 -10.98 -2.57
C VAL D 202 15.33 -10.93 -1.16
N ILE D 203 16.11 -10.39 -0.24
CA ILE D 203 15.63 -10.21 1.12
C ILE D 203 14.43 -9.29 1.11
N GLY D 204 14.30 -8.45 0.09
CA GLY D 204 13.08 -7.70 -0.08
C GLY D 204 11.88 -8.60 -0.31
N ILE D 205 12.03 -9.58 -1.21
CA ILE D 205 10.99 -10.59 -1.38
C ILE D 205 10.64 -11.18 -0.02
N ALA D 206 11.69 -11.53 0.73
CA ALA D 206 11.51 -12.11 2.05
C ALA D 206 10.62 -11.22 2.91
N VAL D 207 11.07 -9.99 3.14
CA VAL D 207 10.35 -9.08 4.01
C VAL D 207 8.98 -8.74 3.45
N MET D 208 8.78 -8.87 2.15
CA MET D 208 7.49 -8.55 1.58
C MET D 208 6.48 -9.63 1.92
N LEU D 209 6.80 -10.88 1.61
CA LEU D 209 5.96 -11.96 2.09
C LEU D 209 5.84 -11.93 3.61
N THR D 210 6.85 -11.38 4.28
CA THR D 210 6.79 -11.28 5.73
C THR D 210 5.70 -10.31 6.18
N GLY D 211 5.74 -9.09 5.65
CA GLY D 211 4.69 -8.13 5.95
C GLY D 211 3.33 -8.64 5.53
N ILE D 212 3.29 -9.43 4.45
CA ILE D 212 2.08 -10.15 4.09
C ILE D 212 1.59 -10.98 5.27
N SER D 213 2.45 -11.89 5.74
CA SER D 213 2.10 -12.74 6.86
C SER D 213 1.69 -11.94 8.08
N ALA D 214 2.35 -10.81 8.31
CA ALA D 214 1.99 -9.95 9.42
C ALA D 214 0.56 -9.48 9.27
N LEU D 215 0.25 -8.90 8.10
CA LEU D 215 -1.11 -8.50 7.79
C LEU D 215 -2.09 -9.63 8.03
N THR D 216 -1.72 -10.84 7.62
CA THR D 216 -2.62 -11.97 7.79
C THR D 216 -2.89 -12.24 9.27
N LEU D 217 -1.82 -12.26 10.06
CA LEU D 217 -1.98 -12.39 11.51
C LEU D 217 -2.89 -11.31 12.06
N LEU D 218 -2.76 -10.10 11.55
CA LEU D 218 -3.61 -9.01 11.98
C LEU D 218 -5.07 -9.32 11.67
N ILE D 219 -5.32 -9.85 10.48
CA ILE D 219 -6.69 -10.23 10.11
C ILE D 219 -7.20 -11.32 11.04
N GLY D 220 -6.34 -12.25 11.41
CA GLY D 220 -6.75 -13.29 12.34
C GLY D 220 -7.12 -12.71 13.68
N THR D 221 -6.29 -11.81 14.19
CA THR D 221 -6.64 -11.08 15.39
C THR D 221 -7.94 -10.32 15.22
N VAL D 222 -8.22 -9.85 14.01
CA VAL D 222 -9.47 -9.14 13.74
C VAL D 222 -10.65 -10.07 13.95
N SER D 223 -10.61 -11.25 13.32
CA SER D 223 -11.68 -12.21 13.50
C SER D 223 -11.83 -12.62 14.96
N ASN D 224 -10.69 -12.75 15.65
CA ASN D 224 -10.71 -13.03 17.08
C ASN D 224 -11.47 -11.96 17.84
N MET D 225 -11.04 -10.72 17.71
CA MET D 225 -11.69 -9.60 18.39
C MET D 225 -13.15 -9.49 17.99
N PHE D 226 -13.48 -9.91 16.77
CA PHE D 226 -14.88 -9.90 16.35
C PHE D 226 -15.70 -10.89 17.15
N GLN D 227 -15.32 -12.17 17.09
CA GLN D 227 -16.04 -13.18 17.83
C GLN D 227 -16.04 -12.92 19.32
N LYS D 228 -15.10 -12.12 19.82
CA LYS D 228 -15.06 -11.81 21.24
C LYS D 228 -15.84 -10.56 21.61
N ILE D 229 -15.96 -9.59 20.70
CA ILE D 229 -16.87 -8.48 20.94
C ILE D 229 -18.31 -8.95 20.77
N LEU D 230 -18.50 -10.08 20.08
CA LEU D 230 -19.77 -10.79 20.20
C LEU D 230 -20.08 -11.10 21.66
N VAL D 231 -19.05 -11.37 22.46
CA VAL D 231 -19.22 -11.56 23.89
C VAL D 231 -19.27 -10.20 24.58
#